data_3UUG
#
_entry.id   3UUG
#
_cell.length_a   130.488
_cell.length_b   130.488
_cell.length_c   63.422
_cell.angle_alpha   90.00
_cell.angle_beta   90.00
_cell.angle_gamma   120.00
#
_symmetry.space_group_name_H-M   'P 65'
#
loop_
_entity.id
_entity.type
_entity.pdbx_description
1 polymer 'Multiple sugar-binding periplasmic receptor ChvE'
2 non-polymer 'beta-D-glucopyranuronic acid'
3 water water
#
_entity_poly.entity_id   1
_entity_poly.type   'polypeptide(L)'
_entity_poly.pdbx_seq_one_letter_code
;QDKGSVGIAMPTKSSARWIDDGNNIVKQLQEAGYKTDLQYADDDIPNQLSQIENMVTKGVKVLVIASIDGTTLSDVLKQA
GEQGIKVIAYDRLIRNSGDVSYYATFDNFQVGVLQATSITDKLGLKDGKGPFNIELFGGSPDDNNAFFFYDGAMSVLKPY
IDSGKLVVKSGQMGMDKVGTLRWDPATAQARMDNLLSAYYTDAKVDAVLSPYDGLSIGIISSLKGVGYGTKDQPLPVVSG
QDAEVPSVKSIIAGEQYSTIFKDTRELAKVTVNMVNAVMEGKEPEVNDTKTYENGVKVVPSYLLKPVAVTKENYKQVLVD
GGYYKEDQLK
;
_entity_poly.pdbx_strand_id   A,B
#
# COMPACT_ATOMS: atom_id res chain seq x y z
N ASP A 2 -39.36 -6.99 -6.10
CA ASP A 2 -38.01 -7.40 -5.78
C ASP A 2 -37.06 -6.21 -5.81
N LYS A 3 -35.78 -6.45 -5.52
CA LYS A 3 -34.80 -5.38 -5.45
C LYS A 3 -34.46 -4.77 -6.79
N GLY A 4 -34.73 -5.52 -7.87
CA GLY A 4 -34.43 -5.06 -9.20
C GLY A 4 -33.15 -5.68 -9.73
N SER A 5 -32.87 -5.42 -11.00
CA SER A 5 -31.73 -6.05 -11.65
C SER A 5 -30.66 -5.03 -12.00
N VAL A 6 -29.43 -5.51 -12.12
CA VAL A 6 -28.32 -4.66 -12.48
C VAL A 6 -27.65 -5.22 -13.72
N GLY A 7 -27.45 -4.37 -14.72
CA GLY A 7 -26.75 -4.75 -15.92
C GLY A 7 -25.27 -4.40 -15.78
N ILE A 8 -24.41 -5.38 -16.03
CA ILE A 8 -22.96 -5.20 -15.87
C ILE A 8 -22.25 -5.51 -17.19
N ALA A 9 -21.59 -4.50 -17.75
CA ALA A 9 -20.92 -4.63 -19.04
C ALA A 9 -19.39 -4.54 -18.89
N MET A 10 -18.72 -5.65 -19.19
CA MET A 10 -17.25 -5.71 -19.13
C MET A 10 -16.65 -5.74 -20.53
N PRO A 11 -15.47 -5.13 -20.70
CA PRO A 11 -14.94 -4.90 -22.04
C PRO A 11 -14.41 -6.16 -22.72
N THR A 12 -13.68 -6.98 -21.99
CA THR A 12 -12.94 -8.10 -22.58
C THR A 12 -12.45 -9.06 -21.51
N LYS A 13 -11.98 -10.23 -21.95
CA LYS A 13 -11.33 -11.17 -21.05
C LYS A 13 -9.87 -11.35 -21.41
N SER A 14 -9.39 -10.59 -22.40
CA SER A 14 -8.00 -10.74 -22.83
C SER A 14 -7.03 -10.14 -21.81
N SER A 15 -7.46 -9.08 -21.13
CA SER A 15 -6.75 -8.62 -19.93
C SER A 15 -7.44 -9.28 -18.73
N ALA A 16 -6.64 -9.89 -17.87
CA ALA A 16 -7.17 -10.78 -16.83
C ALA A 16 -8.16 -10.15 -15.85
N ARG A 17 -7.96 -8.88 -15.51
CA ARG A 17 -8.70 -8.31 -14.39
C ARG A 17 -10.23 -8.34 -14.54
N TRP A 18 -10.73 -8.16 -15.76
CA TRP A 18 -12.17 -7.96 -15.92
C TRP A 18 -12.98 -9.19 -15.59
N ILE A 19 -12.35 -10.37 -15.68
CA ILE A 19 -12.97 -11.59 -15.18
C ILE A 19 -13.19 -11.49 -13.67
N ASP A 20 -12.17 -11.00 -12.97
CA ASP A 20 -12.25 -10.78 -11.52
C ASP A 20 -13.25 -9.66 -11.18
N ASP A 21 -13.21 -8.54 -11.90
CA ASP A 21 -14.20 -7.49 -11.70
C ASP A 21 -15.60 -8.06 -11.81
N GLY A 22 -15.90 -8.70 -12.94
CA GLY A 22 -17.22 -9.26 -13.16
C GLY A 22 -17.64 -10.25 -12.10
N ASN A 23 -16.75 -11.20 -11.78
CA ASN A 23 -17.08 -12.21 -10.78
C ASN A 23 -17.38 -11.58 -9.43
N ASN A 24 -16.57 -10.58 -9.06
CA ASN A 24 -16.71 -9.95 -7.76
C ASN A 24 -17.96 -9.05 -7.68
N ILE A 25 -18.23 -8.32 -8.76
CA ILE A 25 -19.43 -7.49 -8.80
C ILE A 25 -20.68 -8.35 -8.66
N VAL A 26 -20.74 -9.42 -9.44
CA VAL A 26 -21.88 -10.33 -9.39
C VAL A 26 -22.03 -11.00 -8.04
N LYS A 27 -20.92 -11.47 -7.47
CA LYS A 27 -20.99 -12.18 -6.19
C LYS A 27 -21.55 -11.25 -5.12
N GLN A 28 -21.03 -10.03 -5.10
CA GLN A 28 -21.44 -9.09 -4.06
C GLN A 28 -22.85 -8.55 -4.28
N LEU A 29 -23.23 -8.32 -5.55
CA LEU A 29 -24.58 -7.87 -5.85
C LEU A 29 -25.62 -8.91 -5.50
N GLN A 30 -25.33 -10.17 -5.80
CA GLN A 30 -26.26 -11.24 -5.48
C GLN A 30 -26.40 -11.44 -3.98
N GLU A 31 -25.29 -11.28 -3.26
CA GLU A 31 -25.32 -11.36 -1.80
C GLU A 31 -26.22 -10.25 -1.26
N ALA A 32 -26.20 -9.11 -1.94
CA ALA A 32 -26.98 -7.95 -1.54
C ALA A 32 -28.44 -8.09 -1.98
N GLY A 33 -28.75 -9.18 -2.67
CA GLY A 33 -30.11 -9.49 -3.06
C GLY A 33 -30.54 -9.03 -4.44
N TYR A 34 -29.59 -8.66 -5.28
CA TYR A 34 -29.91 -8.18 -6.63
C TYR A 34 -29.77 -9.29 -7.66
N LYS A 35 -30.58 -9.19 -8.71
CA LYS A 35 -30.38 -10.04 -9.89
C LYS A 35 -29.40 -9.33 -10.81
N THR A 36 -28.61 -10.09 -11.56
CA THR A 36 -27.55 -9.48 -12.37
C THR A 36 -27.57 -9.98 -13.80
N ASP A 37 -27.08 -9.14 -14.70
CA ASP A 37 -26.89 -9.52 -16.10
C ASP A 37 -25.49 -9.10 -16.52
N LEU A 38 -24.54 -10.03 -16.43
CA LEU A 38 -23.13 -9.79 -16.72
C LEU A 38 -22.79 -10.20 -18.14
N GLN A 39 -22.20 -9.27 -18.90
CA GLN A 39 -21.84 -9.54 -20.29
C GLN A 39 -20.42 -9.06 -20.57
N TYR A 40 -19.69 -9.79 -21.40
CA TYR A 40 -18.35 -9.41 -21.85
C TYR A 40 -18.38 -9.21 -23.35
N ALA A 41 -17.69 -8.18 -23.82
CA ALA A 41 -17.82 -7.76 -25.23
C ALA A 41 -16.72 -8.27 -26.16
N ASP A 42 -15.73 -8.95 -25.60
CA ASP A 42 -14.57 -9.40 -26.36
C ASP A 42 -13.94 -8.26 -27.15
N ASP A 43 -13.90 -7.07 -26.56
CA ASP A 43 -13.32 -5.87 -27.16
C ASP A 43 -13.96 -5.45 -28.48
N ASP A 44 -15.19 -5.89 -28.71
CA ASP A 44 -15.92 -5.48 -29.89
C ASP A 44 -16.85 -4.34 -29.54
N ILE A 45 -16.53 -3.15 -30.04
CA ILE A 45 -17.30 -1.96 -29.71
C ILE A 45 -18.79 -2.04 -30.07
N PRO A 46 -19.11 -2.50 -31.30
CA PRO A 46 -20.54 -2.59 -31.60
C PRO A 46 -21.27 -3.59 -30.70
N ASN A 47 -20.61 -4.69 -30.38
CA ASN A 47 -21.17 -5.71 -29.50
CA ASN A 47 -21.22 -5.68 -29.52
C ASN A 47 -21.44 -5.18 -28.10
N GLN A 48 -20.48 -4.43 -27.56
CA GLN A 48 -20.70 -3.89 -26.21
C GLN A 48 -21.90 -2.96 -26.20
N LEU A 49 -22.02 -2.15 -27.25
CA LEU A 49 -23.17 -1.24 -27.37
C LEU A 49 -24.48 -2.02 -27.41
N SER A 50 -24.52 -3.07 -28.23
CA SER A 50 -25.71 -3.92 -28.33
C SER A 50 -26.06 -4.55 -26.99
N GLN A 51 -25.03 -4.99 -26.27
CA GLN A 51 -25.24 -5.60 -24.96
C GLN A 51 -25.88 -4.62 -24.00
N ILE A 52 -25.43 -3.37 -24.05
CA ILE A 52 -25.96 -2.37 -23.15
C ILE A 52 -27.37 -1.99 -23.57
N GLU A 53 -27.63 -1.94 -24.87
CA GLU A 53 -28.98 -1.66 -25.34
C GLU A 53 -29.94 -2.72 -24.83
N ASN A 54 -29.49 -3.97 -24.82
CA ASN A 54 -30.31 -5.09 -24.36
CA ASN A 54 -30.36 -5.05 -24.37
C ASN A 54 -30.70 -4.92 -22.90
N MET A 55 -29.71 -4.52 -22.09
CA MET A 55 -29.94 -4.31 -20.67
C MET A 55 -30.97 -3.21 -20.45
N VAL A 56 -30.88 -2.14 -21.23
CA VAL A 56 -31.84 -1.04 -21.10
C VAL A 56 -33.24 -1.53 -21.47
N THR A 57 -33.34 -2.19 -22.61
CA THR A 57 -34.61 -2.75 -23.07
C THR A 57 -35.18 -3.70 -22.02
N LYS A 58 -34.30 -4.46 -21.38
CA LYS A 58 -34.68 -5.43 -20.36
C LYS A 58 -35.19 -4.75 -19.09
N GLY A 59 -34.81 -3.49 -18.90
CA GLY A 59 -35.30 -2.72 -17.78
C GLY A 59 -34.53 -2.92 -16.49
N VAL A 60 -33.22 -3.10 -16.60
CA VAL A 60 -32.38 -3.10 -15.40
C VAL A 60 -32.57 -1.76 -14.70
N LYS A 61 -32.35 -1.72 -13.39
CA LYS A 61 -32.50 -0.48 -12.64
C LYS A 61 -31.22 0.32 -12.63
N VAL A 62 -30.09 -0.39 -12.73
CA VAL A 62 -28.78 0.24 -12.72
C VAL A 62 -27.87 -0.43 -13.76
N LEU A 63 -27.09 0.39 -14.46
CA LEU A 63 -26.05 -0.09 -15.36
C LEU A 63 -24.69 0.15 -14.74
N VAL A 64 -23.85 -0.87 -14.78
CA VAL A 64 -22.46 -0.78 -14.34
C VAL A 64 -21.60 -1.10 -15.57
N ILE A 65 -20.91 -0.09 -16.09
CA ILE A 65 -20.29 -0.19 -17.39
C ILE A 65 -18.80 0.12 -17.39
N ALA A 66 -18.01 -0.87 -17.80
CA ALA A 66 -16.60 -0.68 -18.08
C ALA A 66 -16.46 -0.72 -19.59
N SER A 67 -16.35 0.47 -20.19
CA SER A 67 -16.51 0.61 -21.63
C SER A 67 -15.19 0.53 -22.38
N ILE A 68 -15.24 -0.13 -23.53
CA ILE A 68 -14.12 -0.09 -24.48
C ILE A 68 -13.95 1.34 -24.98
N ASP A 69 -15.02 1.95 -25.47
CA ASP A 69 -15.02 3.36 -25.86
C ASP A 69 -16.34 3.99 -25.45
N GLY A 70 -16.36 4.59 -24.27
CA GLY A 70 -17.57 5.16 -23.72
C GLY A 70 -18.25 6.21 -24.58
N THR A 71 -17.49 6.87 -25.46
CA THR A 71 -18.08 7.92 -26.30
C THR A 71 -19.12 7.36 -27.27
N THR A 72 -19.04 6.06 -27.52
CA THR A 72 -19.96 5.41 -28.44
C THR A 72 -21.31 5.13 -27.80
N LEU A 73 -21.41 5.39 -26.49
CA LEU A 73 -22.58 4.97 -25.72
C LEU A 73 -23.59 6.08 -25.48
N SER A 74 -23.33 7.25 -26.08
CA SER A 74 -24.12 8.44 -25.77
C SER A 74 -25.62 8.24 -25.94
N ASP A 75 -26.01 7.68 -27.07
CA ASP A 75 -27.44 7.51 -27.35
C ASP A 75 -28.10 6.49 -26.43
N VAL A 76 -27.42 5.39 -26.13
CA VAL A 76 -28.02 4.36 -25.28
C VAL A 76 -28.13 4.85 -23.85
N LEU A 77 -27.14 5.64 -23.41
CA LEU A 77 -27.20 6.18 -22.07
C LEU A 77 -28.28 7.25 -21.96
N LYS A 78 -28.53 7.98 -23.04
CA LYS A 78 -29.65 8.90 -23.07
C LYS A 78 -30.95 8.12 -22.87
N GLN A 79 -31.09 7.03 -23.60
CA GLN A 79 -32.27 6.18 -23.46
C GLN A 79 -32.41 5.63 -22.04
N ALA A 80 -31.29 5.20 -21.46
CA ALA A 80 -31.30 4.73 -20.07
C ALA A 80 -31.83 5.81 -19.13
N GLY A 81 -31.34 7.03 -19.30
CA GLY A 81 -31.81 8.18 -18.54
C GLY A 81 -33.30 8.44 -18.70
N GLU A 82 -33.78 8.37 -19.94
CA GLU A 82 -35.21 8.51 -20.22
C GLU A 82 -36.04 7.47 -19.47
N GLN A 83 -35.46 6.31 -19.20
CA GLN A 83 -36.14 5.26 -18.45
C GLN A 83 -35.84 5.27 -16.96
N GLY A 84 -35.09 6.28 -16.51
CA GLY A 84 -34.76 6.42 -15.10
C GLY A 84 -33.70 5.47 -14.60
N ILE A 85 -32.94 4.89 -15.53
CA ILE A 85 -31.86 3.98 -15.17
C ILE A 85 -30.62 4.78 -14.81
N LYS A 86 -30.05 4.50 -13.65
CA LYS A 86 -28.83 5.19 -13.22
C LYS A 86 -27.62 4.50 -13.82
N VAL A 87 -26.62 5.29 -14.18
CA VAL A 87 -25.43 4.76 -14.84
C VAL A 87 -24.21 4.97 -13.97
N ILE A 88 -23.52 3.87 -13.66
CA ILE A 88 -22.24 3.94 -12.96
C ILE A 88 -21.15 3.58 -13.94
N ALA A 89 -20.25 4.53 -14.21
CA ALA A 89 -19.07 4.21 -14.99
C ALA A 89 -18.12 3.42 -14.12
N TYR A 90 -17.73 2.23 -14.57
CA TYR A 90 -16.92 1.33 -13.76
C TYR A 90 -15.48 1.33 -14.25
N ASP A 91 -14.58 1.79 -13.38
CA ASP A 91 -13.14 1.86 -13.63
C ASP A 91 -12.69 2.90 -14.65
N ARG A 92 -13.26 2.87 -15.84
CA ARG A 92 -12.97 3.84 -16.89
C ARG A 92 -14.09 4.85 -16.97
N LEU A 93 -13.74 6.12 -17.06
CA LEU A 93 -14.77 7.15 -17.17
C LEU A 93 -15.46 7.06 -18.53
N ILE A 94 -16.77 7.22 -18.53
CA ILE A 94 -17.52 7.33 -19.79
C ILE A 94 -17.61 8.80 -20.15
N ARG A 95 -17.06 9.15 -21.31
CA ARG A 95 -17.02 10.55 -21.75
C ARG A 95 -18.18 10.94 -22.65
N ASN A 96 -18.38 12.25 -22.79
CA ASN A 96 -19.37 12.86 -23.67
CA ASN A 96 -19.37 12.80 -23.71
C ASN A 96 -20.82 12.47 -23.39
N SER A 97 -21.15 12.33 -22.11
CA SER A 97 -22.52 12.01 -21.72
C SER A 97 -22.89 12.57 -20.35
N GLY A 98 -23.96 13.36 -20.32
CA GLY A 98 -24.49 13.86 -19.07
C GLY A 98 -25.33 12.82 -18.34
N ASP A 99 -25.46 11.64 -18.95
CA ASP A 99 -26.26 10.58 -18.34
C ASP A 99 -25.44 9.62 -17.47
N VAL A 100 -24.19 10.00 -17.22
CA VAL A 100 -23.35 9.22 -16.32
C VAL A 100 -23.50 9.78 -14.92
N SER A 101 -23.99 8.98 -13.99
CA SER A 101 -24.32 9.47 -12.65
C SER A 101 -23.15 9.45 -11.69
N TYR A 102 -22.44 8.33 -11.66
CA TYR A 102 -21.32 8.13 -10.73
C TYR A 102 -20.20 7.38 -11.40
N TYR A 103 -19.02 7.47 -10.81
CA TYR A 103 -17.83 6.85 -11.36
C TYR A 103 -17.08 6.19 -10.21
N ALA A 104 -16.87 4.89 -10.32
CA ALA A 104 -16.15 4.12 -9.31
C ALA A 104 -14.85 3.64 -9.92
N THR A 105 -13.72 3.94 -9.29
CA THR A 105 -12.44 3.63 -9.91
C THR A 105 -11.32 3.62 -8.86
N PHE A 106 -10.11 3.33 -9.29
CA PHE A 106 -8.94 3.56 -8.46
C PHE A 106 -8.39 4.94 -8.79
N ASP A 107 -7.51 5.47 -7.93
CA ASP A 107 -6.94 6.79 -8.14
C ASP A 107 -5.94 6.69 -9.28
N ASN A 108 -6.42 6.95 -10.49
CA ASN A 108 -5.64 6.66 -11.70
C ASN A 108 -4.38 7.51 -11.84
N PHE A 109 -4.48 8.79 -11.48
CA PHE A 109 -3.29 9.64 -11.45
C PHE A 109 -2.24 9.03 -10.52
N GLN A 110 -2.68 8.58 -9.34
CA GLN A 110 -1.75 8.00 -8.36
C GLN A 110 -1.13 6.70 -8.87
N VAL A 111 -1.89 5.92 -9.64
CA VAL A 111 -1.33 4.71 -10.24
C VAL A 111 -0.09 5.08 -11.04
N GLY A 112 -0.22 6.13 -11.85
CA GLY A 112 0.89 6.66 -12.64
C GLY A 112 2.06 7.14 -11.81
N VAL A 113 1.77 7.92 -10.77
CA VAL A 113 2.80 8.34 -9.83
C VAL A 113 3.56 7.12 -9.28
N LEU A 114 2.82 6.09 -8.90
CA LEU A 114 3.43 4.87 -8.36
C LEU A 114 4.29 4.13 -9.37
N GLN A 115 3.79 4.06 -10.61
CA GLN A 115 4.54 3.39 -11.67
C GLN A 115 5.88 4.09 -11.90
N ALA A 116 5.83 5.41 -12.06
CA ALA A 116 7.05 6.17 -12.29
C ALA A 116 7.97 6.11 -11.08
N THR A 117 7.39 6.21 -9.89
CA THR A 117 8.21 6.23 -8.68
C THR A 117 8.95 4.91 -8.45
N SER A 118 8.32 3.80 -8.80
CA SER A 118 9.02 2.53 -8.69
C SER A 118 10.30 2.56 -9.53
N ILE A 119 10.19 3.12 -10.74
CA ILE A 119 11.35 3.25 -11.63
C ILE A 119 12.40 4.23 -11.09
N THR A 120 12.00 5.45 -10.74
CA THR A 120 12.96 6.45 -10.28
C THR A 120 13.65 6.04 -8.99
N ASP A 121 12.91 5.37 -8.10
CA ASP A 121 13.48 4.87 -6.86
C ASP A 121 14.55 3.78 -7.13
N LYS A 122 14.24 2.86 -8.04
CA LYS A 122 15.16 1.78 -8.40
C LYS A 122 16.43 2.33 -9.06
N LEU A 123 16.26 3.33 -9.93
CA LEU A 123 17.40 3.95 -10.62
C LEU A 123 18.24 4.84 -9.70
N GLY A 124 17.70 5.18 -8.54
CA GLY A 124 18.41 6.02 -7.60
C GLY A 124 18.50 7.49 -8.00
N LEU A 125 17.48 7.97 -8.70
CA LEU A 125 17.47 9.35 -9.18
C LEU A 125 17.46 10.39 -8.04
N LYS A 126 16.82 10.04 -6.92
CA LYS A 126 16.80 10.91 -5.77
C LYS A 126 18.20 11.10 -5.21
N ASP A 127 19.07 10.15 -5.49
CA ASP A 127 20.44 10.19 -4.99
C ASP A 127 21.39 10.81 -6.00
N GLY A 128 20.83 11.39 -7.06
CA GLY A 128 21.60 12.11 -8.04
C GLY A 128 22.23 11.25 -9.12
N LYS A 129 21.78 10.01 -9.24
CA LYS A 129 22.30 9.13 -10.28
C LYS A 129 21.73 9.50 -11.64
N GLY A 130 22.37 9.01 -12.70
CA GLY A 130 21.96 9.33 -14.05
C GLY A 130 23.13 9.87 -14.84
N PRO A 131 22.96 10.04 -16.16
CA PRO A 131 21.69 9.87 -16.89
C PRO A 131 21.37 8.42 -17.19
N PHE A 132 20.08 8.13 -17.34
CA PHE A 132 19.60 6.83 -17.76
C PHE A 132 18.65 7.00 -18.94
N ASN A 133 18.63 6.01 -19.83
CA ASN A 133 17.70 6.01 -20.96
C ASN A 133 16.37 5.35 -20.61
N ILE A 134 15.27 6.02 -20.95
CA ILE A 134 13.95 5.49 -20.67
C ILE A 134 13.04 5.64 -21.88
N GLU A 135 12.17 4.64 -22.09
CA GLU A 135 11.12 4.78 -23.09
C GLU A 135 9.76 4.70 -22.43
N LEU A 136 8.77 5.35 -23.03
CA LEU A 136 7.47 5.51 -22.43
C LEU A 136 6.38 4.80 -23.21
N PHE A 137 5.48 4.13 -22.50
CA PHE A 137 4.29 3.55 -23.11
C PHE A 137 3.03 4.06 -22.43
N GLY A 138 1.97 4.24 -23.21
CA GLY A 138 0.67 4.61 -22.68
C GLY A 138 -0.38 3.58 -23.05
N GLY A 139 -1.54 3.65 -22.39
CA GLY A 139 -2.63 2.75 -22.70
C GLY A 139 -3.38 3.16 -23.96
N SER A 140 -4.61 2.69 -24.09
CA SER A 140 -5.40 2.98 -25.28
C SER A 140 -5.95 4.40 -25.19
N PRO A 141 -5.80 5.19 -26.28
CA PRO A 141 -6.23 6.59 -26.27
C PRO A 141 -7.74 6.77 -26.15
N ASP A 142 -8.53 5.73 -26.39
CA ASP A 142 -9.97 5.80 -26.16
C ASP A 142 -10.33 5.34 -24.75
N ASP A 143 -9.31 5.14 -23.92
CA ASP A 143 -9.49 4.84 -22.51
C ASP A 143 -9.09 6.08 -21.71
N ASN A 144 -10.07 6.73 -21.07
CA ASN A 144 -9.79 7.95 -20.31
C ASN A 144 -8.71 7.72 -19.25
N ASN A 145 -8.65 6.51 -18.69
CA ASN A 145 -7.63 6.20 -17.69
C ASN A 145 -6.20 6.35 -18.21
N ALA A 146 -5.99 6.08 -19.49
CA ALA A 146 -4.64 6.08 -20.05
C ALA A 146 -3.97 7.44 -19.87
N PHE A 147 -4.76 8.49 -20.02
CA PHE A 147 -4.23 9.84 -19.87
C PHE A 147 -3.83 10.12 -18.43
N PHE A 148 -4.59 9.58 -17.49
CA PHE A 148 -4.27 9.76 -16.08
C PHE A 148 -3.04 8.95 -15.65
N PHE A 149 -2.91 7.73 -16.15
CA PHE A 149 -1.72 6.93 -15.84
C PHE A 149 -0.49 7.65 -16.38
N TYR A 150 -0.61 8.16 -17.61
CA TYR A 150 0.51 8.80 -18.25
C TYR A 150 0.88 10.10 -17.54
N ASP A 151 -0.12 10.95 -17.29
CA ASP A 151 0.11 12.24 -16.63
C ASP A 151 0.64 12.06 -15.21
N GLY A 152 0.12 11.06 -14.50
CA GLY A 152 0.60 10.76 -13.16
C GLY A 152 2.07 10.40 -13.19
N ALA A 153 2.44 9.53 -14.12
CA ALA A 153 3.84 9.14 -14.28
C ALA A 153 4.72 10.33 -14.61
N MET A 154 4.27 11.18 -15.53
CA MET A 154 5.11 12.28 -16.00
C MET A 154 5.28 13.36 -14.92
N SER A 155 4.37 13.42 -13.96
CA SER A 155 4.54 14.35 -12.85
C SER A 155 5.81 14.01 -12.08
N VAL A 156 6.18 12.73 -12.08
CA VAL A 156 7.41 12.26 -11.44
C VAL A 156 8.60 12.27 -12.41
N LEU A 157 8.35 11.86 -13.66
CA LEU A 157 9.44 11.69 -14.63
C LEU A 157 9.94 12.99 -15.24
N LYS A 158 9.02 13.87 -15.60
CA LYS A 158 9.36 15.06 -16.38
C LYS A 158 10.49 15.90 -15.78
N PRO A 159 10.49 16.11 -14.45
CA PRO A 159 11.57 16.89 -13.85
C PRO A 159 12.96 16.31 -14.15
N TYR A 160 13.07 15.00 -14.21
CA TYR A 160 14.35 14.35 -14.51
C TYR A 160 14.68 14.35 -15.99
N ILE A 161 13.65 14.27 -16.82
CA ILE A 161 13.83 14.42 -18.26
C ILE A 161 14.30 15.84 -18.56
N ASP A 162 13.65 16.81 -17.93
CA ASP A 162 14.03 18.22 -18.09
C ASP A 162 15.48 18.47 -17.67
N SER A 163 15.92 17.80 -16.63
CA SER A 163 17.28 18.00 -16.11
C SER A 163 18.31 17.14 -16.83
N GLY A 164 17.84 16.17 -17.61
CA GLY A 164 18.73 15.34 -18.41
C GLY A 164 19.15 14.06 -17.72
N LYS A 165 18.70 13.88 -16.48
CA LYS A 165 19.02 12.67 -15.73
C LYS A 165 18.23 11.47 -16.25
N LEU A 166 17.14 11.76 -16.95
CA LEU A 166 16.45 10.75 -17.74
C LEU A 166 16.46 11.22 -19.18
N VAL A 167 16.72 10.30 -20.11
CA VAL A 167 16.78 10.65 -21.52
C VAL A 167 15.83 9.73 -22.29
N VAL A 168 14.86 10.31 -22.97
CA VAL A 168 14.02 9.53 -23.86
C VAL A 168 14.70 9.50 -25.21
N LYS A 169 15.53 8.49 -25.42
CA LYS A 169 16.42 8.44 -26.56
C LYS A 169 15.67 8.50 -27.89
N SER A 170 14.48 7.92 -27.92
CA SER A 170 13.64 7.91 -29.12
C SER A 170 13.01 9.28 -29.38
N GLY A 171 12.91 10.09 -28.32
CA GLY A 171 12.24 11.38 -28.41
C GLY A 171 10.72 11.27 -28.41
N GLN A 172 10.20 10.05 -28.29
CA GLN A 172 8.75 9.85 -28.36
C GLN A 172 8.06 10.06 -27.01
N MET A 173 7.23 11.08 -26.95
CA MET A 173 6.47 11.40 -25.74
C MET A 173 5.06 11.84 -26.12
N GLY A 174 4.15 11.81 -25.15
CA GLY A 174 2.78 12.22 -25.39
C GLY A 174 1.93 11.04 -25.81
N MET A 175 0.67 11.03 -25.38
CA MET A 175 -0.22 9.91 -25.64
C MET A 175 -0.46 9.64 -27.12
N ASP A 176 -0.38 10.67 -27.95
CA ASP A 176 -0.59 10.47 -29.39
C ASP A 176 0.58 9.77 -30.05
N LYS A 177 1.69 9.65 -29.32
CA LYS A 177 2.87 8.97 -29.83
C LYS A 177 3.21 7.70 -29.06
N VAL A 178 2.76 7.60 -27.81
CA VAL A 178 3.12 6.43 -27.00
C VAL A 178 1.93 5.56 -26.65
N GLY A 179 0.72 6.00 -26.99
CA GLY A 179 -0.48 5.24 -26.72
C GLY A 179 -0.44 3.88 -27.38
N THR A 180 -1.03 2.89 -26.74
CA THR A 180 -1.11 1.54 -27.28
C THR A 180 -2.56 1.15 -27.49
N LEU A 181 -3.01 1.20 -28.75
CA LEU A 181 -4.41 0.99 -29.06
C LEU A 181 -4.90 -0.36 -28.52
N ARG A 182 -6.04 -0.33 -27.82
CA ARG A 182 -6.68 -1.53 -27.30
CA ARG A 182 -6.67 -1.54 -27.32
C ARG A 182 -5.81 -2.25 -26.26
N TRP A 183 -4.85 -1.52 -25.69
CA TRP A 183 -3.97 -2.10 -24.68
C TRP A 183 -3.36 -3.43 -25.16
N ASP A 184 -3.02 -3.50 -26.45
CA ASP A 184 -2.60 -4.76 -27.07
C ASP A 184 -1.12 -5.06 -26.87
N PRO A 185 -0.81 -6.17 -26.16
CA PRO A 185 0.59 -6.55 -25.94
C PRO A 185 1.41 -6.71 -27.23
N ALA A 186 0.83 -7.32 -28.25
CA ALA A 186 1.57 -7.54 -29.50
C ALA A 186 2.00 -6.20 -30.12
N THR A 187 1.11 -5.21 -30.03
CA THR A 187 1.41 -3.89 -30.55
C THR A 187 2.58 -3.26 -29.79
N ALA A 188 2.51 -3.32 -28.47
CA ALA A 188 3.56 -2.78 -27.62
C ALA A 188 4.87 -3.50 -27.89
N GLN A 189 4.80 -4.81 -28.11
CA GLN A 189 6.01 -5.58 -28.37
C GLN A 189 6.65 -5.15 -29.69
N ALA A 190 5.80 -4.88 -30.69
CA ALA A 190 6.29 -4.43 -31.99
C ALA A 190 6.94 -3.05 -31.86
N ARG A 191 6.29 -2.15 -31.15
CA ARG A 191 6.85 -0.83 -30.94
C ARG A 191 8.20 -0.93 -30.23
N MET A 192 8.27 -1.79 -29.22
CA MET A 192 9.52 -1.99 -28.51
C MET A 192 10.60 -2.51 -29.46
N ASP A 193 10.23 -3.44 -30.34
CA ASP A 193 11.15 -3.97 -31.34
C ASP A 193 11.76 -2.84 -32.16
N ASN A 194 10.90 -1.92 -32.60
CA ASN A 194 11.31 -0.86 -33.49
C ASN A 194 11.99 0.31 -32.78
N LEU A 195 11.69 0.46 -31.48
CA LEU A 195 12.43 1.41 -30.66
C LEU A 195 13.87 0.93 -30.47
N LEU A 196 14.03 -0.36 -30.19
CA LEU A 196 15.35 -0.93 -29.97
C LEU A 196 16.24 -0.85 -31.21
N SER A 197 15.71 -1.23 -32.36
CA SER A 197 16.50 -1.25 -33.59
C SER A 197 16.84 0.15 -34.10
N ALA A 198 15.96 1.13 -33.82
CA ALA A 198 16.17 2.47 -34.34
C ALA A 198 17.05 3.33 -33.41
N TYR A 199 16.99 3.06 -32.12
CA TYR A 199 17.62 3.93 -31.14
C TYR A 199 18.59 3.25 -30.18
N TYR A 200 18.50 1.93 -30.04
CA TYR A 200 19.32 1.22 -29.07
C TYR A 200 20.15 0.08 -29.68
N THR A 201 20.67 0.30 -30.88
CA THR A 201 21.61 -0.66 -31.46
C THR A 201 23.00 -0.40 -30.88
N ASP A 202 23.19 0.81 -30.38
CA ASP A 202 24.43 1.17 -29.70
C ASP A 202 24.19 1.24 -28.19
N ALA A 203 23.39 2.22 -27.77
CA ALA A 203 23.10 2.42 -26.36
C ALA A 203 22.11 1.40 -25.80
N LYS A 204 21.99 1.38 -24.48
CA LYS A 204 21.08 0.46 -23.79
C LYS A 204 19.90 1.21 -23.20
N VAL A 205 18.78 0.50 -23.05
CA VAL A 205 17.61 1.01 -22.35
C VAL A 205 17.76 0.68 -20.86
N ASP A 206 17.56 1.67 -20.01
CA ASP A 206 17.68 1.48 -18.56
C ASP A 206 16.34 1.24 -17.89
N ALA A 207 15.29 1.81 -18.45
CA ALA A 207 13.95 1.64 -17.90
C ALA A 207 12.88 1.77 -18.97
N VAL A 208 11.72 1.17 -18.71
CA VAL A 208 10.57 1.34 -19.56
C VAL A 208 9.33 1.57 -18.70
N LEU A 209 8.68 2.70 -18.91
CA LEU A 209 7.41 2.97 -18.26
C LEU A 209 6.32 2.20 -18.99
N SER A 210 5.87 1.11 -18.38
CA SER A 210 4.76 0.35 -18.91
C SER A 210 3.55 0.50 -18.00
N PRO A 211 2.40 0.87 -18.59
CA PRO A 211 1.20 1.14 -17.80
C PRO A 211 0.31 -0.09 -17.57
N TYR A 212 0.71 -1.25 -18.07
CA TYR A 212 -0.10 -2.45 -17.95
C TYR A 212 0.74 -3.71 -18.08
N ASP A 213 0.49 -4.66 -17.18
CA ASP A 213 1.19 -5.94 -17.13
C ASP A 213 1.28 -6.65 -18.48
N GLY A 214 0.18 -6.71 -19.21
CA GLY A 214 0.19 -7.36 -20.51
C GLY A 214 1.22 -6.72 -21.44
N LEU A 215 1.30 -5.39 -21.42
CA LEU A 215 2.30 -4.72 -22.23
C LEU A 215 3.69 -5.01 -21.69
N SER A 216 3.82 -5.04 -20.37
CA SER A 216 5.13 -5.26 -19.76
C SER A 216 5.76 -6.56 -20.27
N ILE A 217 4.94 -7.61 -20.33
CA ILE A 217 5.40 -8.93 -20.76
C ILE A 217 5.85 -8.90 -22.22
N GLY A 218 5.09 -8.22 -23.06
CA GLY A 218 5.47 -8.09 -24.47
C GLY A 218 6.75 -7.29 -24.65
N ILE A 219 6.84 -6.20 -23.88
CA ILE A 219 8.04 -5.36 -23.86
C ILE A 219 9.26 -6.17 -23.44
N ILE A 220 9.08 -6.99 -22.42
CA ILE A 220 10.16 -7.84 -21.94
C ILE A 220 10.60 -8.87 -22.99
N SER A 221 9.62 -9.46 -23.67
N SER A 221 9.62 -9.47 -23.68
CA SER A 221 9.92 -10.41 -24.74
CA SER A 221 9.93 -10.41 -24.75
C SER A 221 10.77 -9.74 -25.83
C SER A 221 10.79 -9.73 -25.80
N SER A 222 10.37 -8.54 -26.21
CA SER A 222 11.12 -7.74 -27.18
C SER A 222 12.55 -7.53 -26.71
N LEU A 223 12.70 -7.16 -25.44
CA LEU A 223 14.03 -6.89 -24.89
C LEU A 223 14.90 -8.14 -24.89
N LYS A 224 14.33 -9.27 -24.49
CA LYS A 224 15.05 -10.53 -24.57
C LYS A 224 15.38 -10.88 -26.02
N GLY A 225 14.56 -10.41 -26.93
CA GLY A 225 14.78 -10.65 -28.34
C GLY A 225 16.08 -10.06 -28.85
N VAL A 226 16.56 -9.01 -28.19
CA VAL A 226 17.82 -8.38 -28.60
C VAL A 226 18.98 -8.60 -27.63
N GLY A 227 18.76 -9.44 -26.62
CA GLY A 227 19.85 -9.85 -25.75
C GLY A 227 19.78 -9.47 -24.28
N TYR A 228 18.74 -8.71 -23.90
CA TYR A 228 18.54 -8.38 -22.48
C TYR A 228 18.08 -9.59 -21.68
N GLY A 229 18.17 -9.49 -20.36
CA GLY A 229 17.69 -10.55 -19.50
C GLY A 229 18.70 -11.67 -19.33
N THR A 230 19.97 -11.38 -19.62
CA THR A 230 21.03 -12.34 -19.41
C THR A 230 21.85 -11.87 -18.21
N LYS A 231 22.81 -12.69 -17.78
CA LYS A 231 23.64 -12.31 -16.65
C LYS A 231 24.48 -11.05 -16.96
N ASP A 232 25.07 -11.01 -18.15
CA ASP A 232 25.88 -9.86 -18.57
C ASP A 232 25.02 -8.61 -18.79
N GLN A 233 23.80 -8.82 -19.25
CA GLN A 233 22.95 -7.71 -19.66
C GLN A 233 21.53 -7.81 -19.07
N PRO A 234 21.36 -7.31 -17.85
CA PRO A 234 20.07 -7.36 -17.12
C PRO A 234 18.98 -6.58 -17.85
N LEU A 235 17.72 -6.99 -17.68
CA LEU A 235 16.60 -6.23 -18.22
C LEU A 235 16.59 -4.84 -17.64
N PRO A 236 16.05 -3.87 -18.40
CA PRO A 236 15.81 -2.55 -17.81
C PRO A 236 14.70 -2.64 -16.76
N VAL A 237 14.52 -1.59 -15.97
CA VAL A 237 13.47 -1.55 -14.96
C VAL A 237 12.15 -1.34 -15.67
N VAL A 238 11.24 -2.30 -15.53
CA VAL A 238 9.94 -2.23 -16.20
C VAL A 238 8.78 -2.30 -15.20
N SER A 239 7.90 -1.30 -15.28
CA SER A 239 6.76 -1.21 -14.37
C SER A 239 5.58 -2.02 -14.92
N GLY A 240 4.41 -1.82 -14.32
CA GLY A 240 3.22 -2.53 -14.80
C GLY A 240 1.93 -2.12 -14.12
N GLN A 241 0.89 -2.91 -14.34
CA GLN A 241 -0.39 -2.69 -13.68
C GLN A 241 -1.27 -3.93 -13.76
N ASP A 242 -1.94 -4.22 -12.63
CA ASP A 242 -3.01 -5.22 -12.49
C ASP A 242 -2.59 -6.46 -11.72
N ALA A 243 -1.29 -6.64 -11.53
CA ALA A 243 -0.77 -7.84 -10.88
C ALA A 243 -1.32 -9.14 -11.49
N GLU A 244 -1.30 -9.21 -12.82
CA GLU A 244 -1.67 -10.45 -13.51
C GLU A 244 -0.68 -11.54 -13.14
N VAL A 245 -1.14 -12.78 -13.07
CA VAL A 245 -0.26 -13.88 -12.68
C VAL A 245 1.05 -13.96 -13.47
N PRO A 246 0.99 -13.89 -14.81
CA PRO A 246 2.25 -13.97 -15.55
C PRO A 246 3.24 -12.88 -15.14
N SER A 247 2.75 -11.67 -14.92
CA SER A 247 3.60 -10.57 -14.47
C SER A 247 4.10 -10.76 -13.05
N VAL A 248 3.25 -11.26 -12.16
CA VAL A 248 3.71 -11.53 -10.80
C VAL A 248 4.80 -12.61 -10.81
N LYS A 249 4.61 -13.63 -11.65
CA LYS A 249 5.63 -14.66 -11.79
C LYS A 249 6.93 -14.06 -12.34
N SER A 250 6.80 -13.12 -13.27
CA SER A 250 7.96 -12.44 -13.84
C SER A 250 8.70 -11.64 -12.78
N ILE A 251 7.92 -10.94 -11.95
CA ILE A 251 8.48 -10.17 -10.84
C ILE A 251 9.23 -11.09 -9.88
N ILE A 252 8.61 -12.19 -9.49
CA ILE A 252 9.25 -13.16 -8.61
C ILE A 252 10.56 -13.68 -9.21
N ALA A 253 10.58 -13.85 -10.53
CA ALA A 253 11.75 -14.38 -11.22
C ALA A 253 12.85 -13.34 -11.41
N GLY A 254 12.59 -12.12 -10.98
CA GLY A 254 13.58 -11.05 -11.11
C GLY A 254 13.64 -10.45 -12.50
N GLU A 255 12.54 -10.53 -13.23
CA GLU A 255 12.46 -9.95 -14.57
C GLU A 255 11.68 -8.63 -14.60
N GLN A 256 10.36 -8.67 -14.85
CA GLN A 256 9.57 -7.47 -14.64
C GLN A 256 9.85 -6.94 -13.24
N TYR A 257 9.97 -5.63 -13.09
CA TYR A 257 10.35 -5.04 -11.81
C TYR A 257 9.16 -4.79 -10.87
N SER A 258 8.12 -4.15 -11.37
CA SER A 258 6.99 -3.80 -10.50
C SER A 258 5.66 -3.90 -11.22
N THR A 259 4.60 -3.89 -10.43
CA THR A 259 3.26 -3.79 -10.95
C THR A 259 2.44 -3.00 -9.93
N ILE A 260 1.16 -2.80 -10.22
CA ILE A 260 0.28 -2.08 -9.32
C ILE A 260 -0.91 -2.97 -9.00
N PHE A 261 -1.11 -3.25 -7.72
CA PHE A 261 -2.23 -4.06 -7.26
C PHE A 261 -3.49 -3.20 -7.09
N LYS A 262 -4.51 -3.54 -7.88
CA LYS A 262 -5.81 -2.88 -7.79
C LYS A 262 -6.85 -3.93 -7.43
N ASP A 263 -7.22 -3.96 -6.16
CA ASP A 263 -8.04 -5.04 -5.64
C ASP A 263 -9.48 -4.92 -6.16
N THR A 264 -9.81 -5.70 -7.18
CA THR A 264 -11.15 -5.62 -7.78
C THR A 264 -12.27 -5.95 -6.79
N ARG A 265 -11.92 -6.65 -5.71
CA ARG A 265 -12.90 -6.96 -4.67
C ARG A 265 -13.36 -5.66 -4.01
N GLU A 266 -12.42 -4.72 -3.82
CA GLU A 266 -12.77 -3.45 -3.20
CA GLU A 266 -12.74 -3.43 -3.21
C GLU A 266 -13.54 -2.55 -4.16
N LEU A 267 -13.23 -2.63 -5.46
CA LEU A 267 -13.95 -1.82 -6.43
C LEU A 267 -15.38 -2.33 -6.59
N ALA A 268 -15.55 -3.65 -6.52
CA ALA A 268 -16.88 -4.24 -6.53
C ALA A 268 -17.68 -3.77 -5.32
N LYS A 269 -17.03 -3.69 -4.16
CA LYS A 269 -17.69 -3.27 -2.94
C LYS A 269 -18.17 -1.82 -3.06
N VAL A 270 -17.33 -0.97 -3.61
CA VAL A 270 -17.73 0.41 -3.83
C VAL A 270 -18.94 0.43 -4.76
N THR A 271 -18.89 -0.39 -5.81
CA THR A 271 -19.98 -0.45 -6.77
C THR A 271 -21.29 -0.89 -6.13
N VAL A 272 -21.21 -1.87 -5.23
CA VAL A 272 -22.40 -2.35 -4.54
C VAL A 272 -22.95 -1.26 -3.62
N ASN A 273 -22.05 -0.54 -2.93
CA ASN A 273 -22.46 0.59 -2.10
C ASN A 273 -23.23 1.62 -2.92
N MET A 274 -22.75 1.88 -4.13
CA MET A 274 -23.40 2.85 -4.99
C MET A 274 -24.77 2.35 -5.44
N VAL A 275 -24.84 1.09 -5.82
CA VAL A 275 -26.10 0.49 -6.23
C VAL A 275 -27.11 0.53 -5.09
N ASN A 276 -26.69 0.09 -3.90
CA ASN A 276 -27.55 0.17 -2.72
C ASN A 276 -28.08 1.58 -2.50
N ALA A 277 -27.21 2.58 -2.59
CA ALA A 277 -27.62 3.96 -2.37
C ALA A 277 -28.70 4.37 -3.36
N VAL A 278 -28.43 4.16 -4.64
CA VAL A 278 -29.41 4.48 -5.70
C VAL A 278 -30.74 3.79 -5.46
N MET A 279 -30.70 2.51 -5.11
CA MET A 279 -31.93 1.77 -4.86
C MET A 279 -32.70 2.31 -3.65
N GLU A 280 -31.97 2.81 -2.65
CA GLU A 280 -32.60 3.33 -1.44
C GLU A 280 -32.96 4.80 -1.58
N GLY A 281 -32.70 5.39 -2.73
CA GLY A 281 -32.97 6.80 -2.95
C GLY A 281 -32.04 7.71 -2.18
N LYS A 282 -30.85 7.19 -1.85
CA LYS A 282 -29.85 7.96 -1.12
C LYS A 282 -28.72 8.38 -2.07
N GLU A 283 -27.90 9.33 -1.61
CA GLU A 283 -26.72 9.72 -2.37
C GLU A 283 -25.55 8.78 -2.09
N PRO A 284 -24.96 8.22 -3.14
CA PRO A 284 -23.75 7.41 -2.96
C PRO A 284 -22.63 8.23 -2.34
N GLU A 285 -21.78 7.57 -1.56
CA GLU A 285 -20.57 8.20 -1.05
C GLU A 285 -19.58 8.44 -2.19
N VAL A 286 -19.11 9.67 -2.30
CA VAL A 286 -18.09 10.01 -3.30
C VAL A 286 -16.98 10.77 -2.60
N ASN A 287 -15.76 10.66 -3.11
CA ASN A 287 -14.64 11.36 -2.48
C ASN A 287 -13.88 12.26 -3.44
N ASP A 288 -14.40 12.43 -4.65
CA ASP A 288 -13.81 13.33 -5.63
C ASP A 288 -14.88 13.85 -6.59
N THR A 289 -15.21 15.14 -6.48
CA THR A 289 -16.24 15.72 -7.32
C THR A 289 -15.66 16.77 -8.25
N LYS A 290 -14.33 16.77 -8.38
CA LYS A 290 -13.65 17.81 -9.13
C LYS A 290 -12.81 17.29 -10.31
N THR A 291 -12.24 16.09 -10.18
CA THR A 291 -11.25 15.60 -11.12
C THR A 291 -11.80 15.13 -12.47
N TYR A 292 -12.84 14.30 -12.41
CA TYR A 292 -13.24 13.56 -13.60
C TYR A 292 -14.24 14.24 -14.53
N GLU A 293 -13.80 15.34 -15.13
N GLU A 293 -13.80 15.34 -15.14
CA GLU A 293 -14.52 15.96 -16.22
CA GLU A 293 -14.55 15.98 -16.21
C GLU A 293 -14.67 14.93 -17.32
C GLU A 293 -14.65 15.01 -17.38
N ASN A 294 -15.87 14.84 -17.91
CA ASN A 294 -16.09 13.88 -18.99
C ASN A 294 -16.43 14.53 -20.33
N GLY A 295 -16.37 15.85 -20.37
CA GLY A 295 -16.69 16.60 -21.59
C GLY A 295 -18.01 17.33 -21.50
N VAL A 296 -18.95 16.76 -20.73
CA VAL A 296 -20.25 17.37 -20.51
C VAL A 296 -20.38 17.83 -19.06
N LYS A 297 -19.80 17.06 -18.15
CA LYS A 297 -19.84 17.39 -16.73
C LYS A 297 -18.74 16.70 -15.95
N VAL A 298 -18.51 17.15 -14.72
CA VAL A 298 -17.62 16.43 -13.82
C VAL A 298 -18.43 15.37 -13.08
N VAL A 299 -18.13 14.11 -13.36
CA VAL A 299 -18.85 12.99 -12.74
C VAL A 299 -18.38 12.77 -11.30
N PRO A 300 -19.33 12.77 -10.34
CA PRO A 300 -18.98 12.51 -8.95
C PRO A 300 -18.39 11.11 -8.84
N SER A 301 -17.23 11.00 -8.19
CA SER A 301 -16.47 9.77 -8.27
C SER A 301 -16.06 9.26 -6.89
N TYR A 302 -15.81 7.97 -6.80
CA TYR A 302 -15.18 7.43 -5.60
C TYR A 302 -13.89 6.71 -6.01
N LEU A 303 -12.78 7.16 -5.44
CA LEU A 303 -11.46 6.64 -5.81
C LEU A 303 -10.86 5.77 -4.72
N LEU A 304 -10.43 4.58 -5.11
CA LEU A 304 -9.71 3.67 -4.22
C LEU A 304 -8.20 3.82 -4.37
N LYS A 305 -7.47 3.59 -3.29
CA LYS A 305 -6.02 3.77 -3.29
C LYS A 305 -5.31 2.51 -3.76
N PRO A 306 -4.51 2.62 -4.83
CA PRO A 306 -3.78 1.46 -5.35
C PRO A 306 -2.54 1.12 -4.53
N VAL A 307 -1.95 -0.05 -4.78
CA VAL A 307 -0.78 -0.52 -4.02
C VAL A 307 0.33 -1.01 -4.95
N ALA A 308 1.53 -0.43 -4.83
CA ALA A 308 2.66 -0.87 -5.65
C ALA A 308 3.19 -2.22 -5.16
N VAL A 309 3.51 -3.10 -6.10
CA VAL A 309 4.03 -4.42 -5.77
C VAL A 309 5.36 -4.67 -6.45
N THR A 310 6.31 -5.23 -5.70
CA THR A 310 7.58 -5.65 -6.27
C THR A 310 7.84 -7.07 -5.78
N LYS A 311 9.02 -7.60 -6.07
CA LYS A 311 9.35 -8.95 -5.61
C LYS A 311 9.53 -8.98 -4.10
N GLU A 312 9.70 -7.79 -3.51
CA GLU A 312 9.89 -7.68 -2.06
C GLU A 312 8.59 -7.88 -1.26
N ASN A 313 7.47 -7.44 -1.81
CA ASN A 313 6.21 -7.46 -1.03
C ASN A 313 5.07 -8.27 -1.65
N TYR A 314 5.33 -9.03 -2.70
CA TYR A 314 4.24 -9.72 -3.38
C TYR A 314 3.46 -10.67 -2.46
N LYS A 315 4.14 -11.34 -1.54
CA LYS A 315 3.44 -12.31 -0.69
C LYS A 315 2.44 -11.62 0.22
N GLN A 316 2.90 -10.58 0.92
CA GLN A 316 2.05 -9.87 1.86
C GLN A 316 0.87 -9.19 1.16
N VAL A 317 1.13 -8.57 0.03
CA VAL A 317 0.10 -7.84 -0.69
C VAL A 317 -0.90 -8.76 -1.41
N LEU A 318 -0.39 -9.76 -2.12
CA LEU A 318 -1.21 -10.56 -3.04
C LEU A 318 -1.70 -11.89 -2.49
N VAL A 319 -0.92 -12.49 -1.59
CA VAL A 319 -1.26 -13.83 -1.13
C VAL A 319 -1.89 -13.81 0.26
N ASP A 320 -1.26 -13.09 1.19
CA ASP A 320 -1.76 -13.00 2.56
C ASP A 320 -3.16 -12.39 2.60
N GLY A 321 -3.46 -11.52 1.63
CA GLY A 321 -4.75 -10.88 1.55
C GLY A 321 -5.76 -11.63 0.71
N GLY A 322 -5.36 -12.79 0.21
CA GLY A 322 -6.28 -13.69 -0.46
C GLY A 322 -6.58 -13.46 -1.93
N TYR A 323 -5.91 -12.49 -2.55
CA TYR A 323 -6.16 -12.24 -3.96
C TYR A 323 -5.77 -13.46 -4.80
N TYR A 324 -4.63 -14.06 -4.47
CA TYR A 324 -4.18 -15.28 -5.11
C TYR A 324 -3.82 -16.30 -4.05
N LYS A 325 -3.91 -17.58 -4.42
CA LYS A 325 -3.40 -18.66 -3.59
C LYS A 325 -1.91 -18.83 -3.84
N GLU A 326 -1.18 -19.30 -2.84
CA GLU A 326 0.27 -19.44 -2.91
C GLU A 326 0.73 -20.19 -4.16
N ASP A 327 0.06 -21.29 -4.47
N ASP A 327 0.08 -21.30 -4.48
CA ASP A 327 0.47 -22.16 -5.56
CA ASP A 327 0.54 -22.14 -5.58
C ASP A 327 0.25 -21.55 -6.95
C ASP A 327 0.25 -21.56 -6.97
N GLN A 328 -0.62 -20.55 -7.04
CA GLN A 328 -0.87 -19.88 -8.32
C GLN A 328 0.37 -19.15 -8.82
N LEU A 329 1.24 -18.77 -7.88
CA LEU A 329 2.42 -17.99 -8.24
C LEU A 329 3.67 -18.85 -8.46
N LYS A 330 3.50 -20.16 -8.33
CA LYS A 330 4.60 -21.10 -8.51
C LYS A 330 4.51 -21.84 -9.85
N ASP B 2 -23.17 -16.63 10.51
CA ASP B 2 -23.58 -15.23 10.65
C ASP B 2 -23.19 -14.69 12.02
N LYS B 3 -21.90 -14.74 12.32
CA LYS B 3 -21.39 -14.27 13.61
C LYS B 3 -21.34 -12.74 13.66
N GLY B 4 -21.80 -12.10 12.59
CA GLY B 4 -21.76 -10.65 12.50
C GLY B 4 -20.51 -10.16 11.79
N SER B 5 -20.41 -8.85 11.59
CA SER B 5 -19.26 -8.29 10.90
C SER B 5 -18.31 -7.57 11.86
N VAL B 6 -17.03 -7.60 11.54
CA VAL B 6 -16.02 -6.91 12.33
C VAL B 6 -15.40 -5.80 11.49
N GLY B 7 -15.42 -4.58 12.03
CA GLY B 7 -14.79 -3.45 11.37
C GLY B 7 -13.33 -3.36 11.78
N ILE B 8 -12.44 -3.17 10.81
CA ILE B 8 -11.01 -3.19 11.06
C ILE B 8 -10.36 -1.94 10.46
N ALA B 9 -9.87 -1.05 11.33
CA ALA B 9 -9.31 0.22 10.89
C ALA B 9 -7.79 0.26 11.06
N MET B 10 -7.08 0.31 9.94
CA MET B 10 -5.62 0.37 9.91
C MET B 10 -5.16 1.77 9.52
N PRO B 11 -3.99 2.19 10.02
CA PRO B 11 -3.63 3.60 9.89
C PRO B 11 -3.09 3.98 8.51
N THR B 12 -2.32 3.09 7.89
CA THR B 12 -1.64 3.40 6.64
C THR B 12 -0.99 2.16 6.05
N LYS B 13 -0.69 2.19 4.77
CA LYS B 13 0.12 1.15 4.15
C LYS B 13 1.54 1.62 3.92
N SER B 14 1.84 2.86 4.31
CA SER B 14 3.16 3.43 4.02
C SER B 14 4.24 2.77 4.88
N SER B 15 3.87 2.35 6.08
CA SER B 15 4.67 1.39 6.82
C SER B 15 4.11 0.00 6.55
N ALA B 16 4.95 -0.88 6.01
CA ALA B 16 4.50 -2.13 5.38
C ALA B 16 3.67 -3.05 6.27
N ARG B 17 3.96 -3.07 7.56
CA ARG B 17 3.35 -4.09 8.43
C ARG B 17 1.82 -4.11 8.40
N TRP B 18 1.21 -2.93 8.30
CA TRP B 18 -0.25 -2.85 8.45
C TRP B 18 -0.99 -3.48 7.27
N ILE B 19 -0.30 -3.59 6.13
CA ILE B 19 -0.82 -4.35 5.02
C ILE B 19 -1.09 -5.76 5.50
N ASP B 20 -0.09 -6.36 6.15
CA ASP B 20 -0.20 -7.73 6.62
C ASP B 20 -1.09 -7.84 7.85
N ASP B 21 -1.00 -6.88 8.77
CA ASP B 21 -1.89 -6.88 9.94
C ASP B 21 -3.32 -7.01 9.44
N GLY B 22 -3.71 -6.12 8.55
CA GLY B 22 -5.06 -6.12 7.99
C GLY B 22 -5.37 -7.44 7.31
N ASN B 23 -4.47 -7.88 6.44
CA ASN B 23 -4.70 -9.12 5.70
C ASN B 23 -4.82 -10.35 6.61
N ASN B 24 -3.97 -10.42 7.64
CA ASN B 24 -3.99 -11.56 8.56
C ASN B 24 -5.29 -11.59 9.36
N ILE B 25 -5.67 -10.43 9.90
CA ILE B 25 -6.90 -10.33 10.67
C ILE B 25 -8.09 -10.77 9.83
N VAL B 26 -8.20 -10.23 8.62
CA VAL B 26 -9.29 -10.60 7.72
C VAL B 26 -9.31 -12.11 7.44
N LYS B 27 -8.16 -12.64 7.02
CA LYS B 27 -8.07 -14.07 6.71
C LYS B 27 -8.57 -14.91 7.88
N GLN B 28 -8.07 -14.62 9.06
CA GLN B 28 -8.39 -15.43 10.24
C GLN B 28 -9.83 -15.23 10.73
N LEU B 29 -10.35 -14.01 10.61
CA LEU B 29 -11.72 -13.72 11.00
C LEU B 29 -12.73 -14.43 10.11
N GLN B 30 -12.44 -14.44 8.81
CA GLN B 30 -13.33 -15.09 7.86
C GLN B 30 -13.28 -16.60 8.04
N GLU B 31 -12.10 -17.12 8.34
CA GLU B 31 -11.95 -18.54 8.64
C GLU B 31 -12.76 -18.88 9.89
N ALA B 32 -12.92 -17.91 10.78
CA ALA B 32 -13.69 -18.08 12.00
C ALA B 32 -15.18 -17.81 11.76
N GLY B 33 -15.52 -17.43 10.54
CA GLY B 33 -16.92 -17.27 10.16
C GLY B 33 -17.47 -15.87 10.29
N TYR B 34 -16.61 -14.89 10.50
CA TYR B 34 -17.04 -13.51 10.59
C TYR B 34 -16.99 -12.83 9.22
N LYS B 35 -17.81 -11.81 9.04
CA LYS B 35 -17.66 -10.92 7.89
C LYS B 35 -16.71 -9.80 8.31
N THR B 36 -15.99 -9.22 7.35
CA THR B 36 -14.98 -8.23 7.69
C THR B 36 -15.13 -6.95 6.86
N ASP B 37 -14.76 -5.83 7.46
CA ASP B 37 -14.80 -4.54 6.80
C ASP B 37 -13.48 -3.84 7.10
N LEU B 38 -12.50 -4.02 6.21
CA LEU B 38 -11.15 -3.52 6.42
C LEU B 38 -10.92 -2.21 5.67
N GLN B 39 -10.46 -1.20 6.39
CA GLN B 39 -10.19 0.11 5.78
C GLN B 39 -8.83 0.65 6.24
N TYR B 40 -8.17 1.40 5.36
CA TYR B 40 -6.90 2.02 5.68
C TYR B 40 -7.05 3.53 5.55
N ALA B 41 -6.43 4.27 6.47
CA ALA B 41 -6.68 5.71 6.55
C ALA B 41 -5.65 6.59 5.82
N ASP B 42 -4.64 5.96 5.22
CA ASP B 42 -3.62 6.71 4.50
C ASP B 42 -3.04 7.81 5.39
N ASP B 43 -2.90 7.50 6.67
CA ASP B 43 -2.29 8.40 7.65
C ASP B 43 -3.05 9.71 7.84
N ASP B 44 -4.29 9.75 7.39
CA ASP B 44 -5.09 10.96 7.59
C ASP B 44 -6.04 10.76 8.77
N ILE B 45 -5.87 11.59 9.80
CA ILE B 45 -6.62 11.41 11.04
C ILE B 45 -8.12 11.65 10.87
N PRO B 46 -8.49 12.74 10.18
CA PRO B 46 -9.94 12.92 9.99
C PRO B 46 -10.55 11.76 9.22
N ASN B 47 -9.83 11.24 8.24
CA ASN B 47 -10.34 10.15 7.42
CA ASN B 47 -10.30 10.13 7.41
C ASN B 47 -10.49 8.85 8.21
N GLN B 48 -9.57 8.57 9.14
CA GLN B 48 -9.73 7.38 9.97
C GLN B 48 -10.95 7.51 10.86
N LEU B 49 -11.20 8.71 11.37
CA LEU B 49 -12.39 8.95 12.17
C LEU B 49 -13.64 8.71 11.34
N SER B 50 -13.68 9.31 10.15
CA SER B 50 -14.81 9.11 9.25
C SER B 50 -15.03 7.63 8.94
N GLN B 51 -13.93 6.89 8.76
CA GLN B 51 -14.02 5.47 8.44
C GLN B 51 -14.63 4.69 9.59
N ILE B 52 -14.22 5.02 10.81
CA ILE B 52 -14.72 4.32 11.98
C ILE B 52 -16.19 4.69 12.24
N GLU B 53 -16.53 5.95 11.99
CA GLU B 53 -17.92 6.39 12.10
C GLU B 53 -18.81 5.60 11.12
N ASN B 54 -18.31 5.42 9.90
CA ASN B 54 -19.05 4.64 8.90
C ASN B 54 -19.29 3.21 9.33
N MET B 55 -18.31 2.61 10.00
CA MET B 55 -18.42 1.23 10.47
C MET B 55 -19.51 1.12 11.52
N VAL B 56 -19.53 2.06 12.45
CA VAL B 56 -20.57 2.09 13.48
C VAL B 56 -21.94 2.22 12.82
N THR B 57 -22.07 3.18 11.90
CA THR B 57 -23.33 3.40 11.19
C THR B 57 -23.74 2.14 10.45
N LYS B 58 -22.77 1.50 9.78
CA LYS B 58 -22.99 0.26 9.04
C LYS B 58 -23.53 -0.83 9.95
N GLY B 59 -22.96 -0.93 11.15
CA GLY B 59 -23.46 -1.85 12.15
C GLY B 59 -22.55 -3.00 12.52
N VAL B 60 -21.24 -2.78 12.48
CA VAL B 60 -20.29 -3.83 12.89
C VAL B 60 -20.50 -4.21 14.36
N LYS B 61 -20.23 -5.47 14.70
CA LYS B 61 -20.40 -5.96 16.05
C LYS B 61 -19.19 -5.62 16.92
N VAL B 62 -18.02 -5.57 16.30
CA VAL B 62 -16.78 -5.31 17.01
C VAL B 62 -15.90 -4.37 16.18
N LEU B 63 -15.16 -3.51 16.87
CA LEU B 63 -14.18 -2.66 16.21
C LEU B 63 -12.76 -3.07 16.58
N VAL B 64 -11.92 -3.28 15.57
CA VAL B 64 -10.50 -3.53 15.77
C VAL B 64 -9.73 -2.36 15.16
N ILE B 65 -9.12 -1.54 16.02
CA ILE B 65 -8.60 -0.24 15.59
C ILE B 65 -7.13 -0.05 15.91
N ALA B 66 -6.33 0.16 14.86
CA ALA B 66 -4.96 0.60 14.99
C ALA B 66 -4.94 2.08 14.63
N SER B 67 -4.95 2.94 15.65
CA SER B 67 -5.22 4.35 15.45
C SER B 67 -3.99 5.19 15.14
N ILE B 68 -4.13 6.11 14.19
CA ILE B 68 -3.12 7.13 13.97
C ILE B 68 -3.00 7.98 15.23
N ASP B 69 -4.12 8.57 15.65
CA ASP B 69 -4.19 9.34 16.89
C ASP B 69 -5.47 8.96 17.63
N GLY B 70 -5.39 7.97 18.49
CA GLY B 70 -6.57 7.45 19.17
C GLY B 70 -7.37 8.46 19.99
N THR B 71 -6.73 9.53 20.43
CA THR B 71 -7.42 10.53 21.27
C THR B 71 -8.56 11.21 20.52
N THR B 72 -8.51 11.17 19.20
CA THR B 72 -9.53 11.84 18.38
C THR B 72 -10.79 10.99 18.24
N LEU B 73 -10.77 9.80 18.81
CA LEU B 73 -11.84 8.83 18.62
C LEU B 73 -12.84 8.73 19.78
N SER B 74 -12.65 9.57 20.80
N SER B 74 -12.65 9.57 20.79
CA SER B 74 -13.46 9.46 22.02
CA SER B 74 -13.46 9.49 22.02
C SER B 74 -14.97 9.48 21.75
C SER B 74 -14.95 9.47 21.74
N ASP B 75 -15.42 10.47 20.98
CA ASP B 75 -16.85 10.61 20.69
C ASP B 75 -17.43 9.38 19.99
N VAL B 76 -16.77 8.94 18.92
CA VAL B 76 -17.25 7.81 18.14
C VAL B 76 -17.24 6.51 18.94
N LEU B 77 -16.23 6.33 19.79
CA LEU B 77 -16.16 5.13 20.63
C LEU B 77 -17.20 5.14 21.74
N LYS B 78 -17.56 6.33 22.21
CA LYS B 78 -18.64 6.47 23.16
C LYS B 78 -19.94 5.97 22.52
N GLN B 79 -20.17 6.41 21.29
CA GLN B 79 -21.34 5.97 20.52
C GLN B 79 -21.30 4.47 20.25
N ALA B 80 -20.15 3.95 19.87
CA ALA B 80 -19.98 2.52 19.64
C ALA B 80 -20.39 1.73 20.88
N GLY B 81 -19.87 2.13 22.04
CA GLY B 81 -20.18 1.45 23.29
C GLY B 81 -21.66 1.46 23.61
N GLU B 82 -22.30 2.60 23.37
CA GLU B 82 -23.73 2.75 23.63
C GLU B 82 -24.56 1.86 22.71
N GLN B 83 -23.97 1.44 21.60
CA GLN B 83 -24.65 0.57 20.63
C GLN B 83 -24.29 -0.89 20.83
N GLY B 84 -23.49 -1.17 21.87
CA GLY B 84 -23.12 -2.53 22.21
C GLY B 84 -21.94 -3.04 21.41
N ILE B 85 -21.16 -2.13 20.84
CA ILE B 85 -20.01 -2.52 20.04
C ILE B 85 -18.77 -2.56 20.91
N LYS B 86 -18.09 -3.71 20.91
CA LYS B 86 -16.86 -3.86 21.68
C LYS B 86 -15.66 -3.34 20.88
N VAL B 87 -14.75 -2.68 21.59
CA VAL B 87 -13.58 -2.08 20.94
C VAL B 87 -12.30 -2.76 21.38
N ILE B 88 -11.52 -3.20 20.40
CA ILE B 88 -10.22 -3.75 20.63
C ILE B 88 -9.18 -2.81 20.04
N ALA B 89 -8.32 -2.27 20.90
CA ALA B 89 -7.18 -1.47 20.44
C ALA B 89 -6.14 -2.43 19.88
N TYR B 90 -5.76 -2.21 18.63
CA TYR B 90 -4.85 -3.11 17.93
C TYR B 90 -3.46 -2.49 17.82
N ASP B 91 -2.50 -3.14 18.49
CA ASP B 91 -1.10 -2.75 18.50
C ASP B 91 -0.79 -1.45 19.24
N ARG B 92 -1.50 -0.39 18.90
CA ARG B 92 -1.35 0.91 19.54
C ARG B 92 -2.49 1.16 20.53
N LEU B 93 -2.15 1.62 21.73
CA LEU B 93 -3.17 1.89 22.73
C LEU B 93 -4.03 3.09 22.31
N ILE B 94 -5.35 2.96 22.48
CA ILE B 94 -6.25 4.08 22.31
C ILE B 94 -6.43 4.80 23.65
N ARG B 95 -5.93 6.02 23.73
CA ARG B 95 -5.98 6.79 24.98
C ARG B 95 -7.22 7.67 25.05
N ASN B 96 -7.51 8.17 26.25
CA ASN B 96 -8.57 9.16 26.48
C ASN B 96 -9.98 8.59 26.33
N SER B 97 -10.14 7.28 26.45
CA SER B 97 -11.46 6.67 26.30
C SER B 97 -11.67 5.47 27.21
N GLY B 98 -12.82 5.45 27.88
CA GLY B 98 -13.17 4.32 28.71
C GLY B 98 -13.88 3.23 27.92
N ASP B 99 -14.06 3.47 26.62
CA ASP B 99 -14.81 2.54 25.78
C ASP B 99 -13.92 1.53 25.09
N VAL B 100 -12.67 1.45 25.51
CA VAL B 100 -11.73 0.46 24.99
C VAL B 100 -11.76 -0.79 25.87
N SER B 101 -12.17 -1.91 25.29
CA SER B 101 -12.34 -3.15 26.04
C SER B 101 -11.04 -3.92 26.26
N TYR B 102 -10.30 -4.13 25.17
CA TYR B 102 -9.07 -4.90 25.23
C TYR B 102 -7.99 -4.31 24.35
N TYR B 103 -6.76 -4.72 24.60
CA TYR B 103 -5.61 -4.21 23.88
C TYR B 103 -4.71 -5.39 23.50
N ALA B 104 -4.49 -5.58 22.21
CA ALA B 104 -3.63 -6.67 21.72
C ALA B 104 -2.40 -6.03 21.11
N THR B 105 -1.23 -6.43 21.57
CA THR B 105 0.00 -5.78 21.13
C THR B 105 1.22 -6.65 21.36
N PHE B 106 2.39 -6.12 21.03
CA PHE B 106 3.65 -6.75 21.43
C PHE B 106 4.17 -6.01 22.65
N ASP B 107 5.12 -6.62 23.36
CA ASP B 107 5.69 -6.01 24.55
C ASP B 107 6.55 -4.82 24.16
N ASN B 108 5.92 -3.65 24.10
CA ASN B 108 6.54 -2.46 23.53
C ASN B 108 7.78 -1.96 24.25
N PHE B 109 7.75 -1.97 25.58
CA PHE B 109 8.91 -1.57 26.35
C PHE B 109 10.09 -2.50 26.05
N GLN B 110 9.81 -3.79 25.92
CA GLN B 110 10.85 -4.76 25.61
C GLN B 110 11.42 -4.56 24.21
N VAL B 111 10.59 -4.10 23.28
CA VAL B 111 11.07 -3.76 21.96
C VAL B 111 12.21 -2.76 22.08
N GLY B 112 12.00 -1.72 22.89
CA GLY B 112 13.00 -0.69 23.11
C GLY B 112 14.27 -1.22 23.74
N VAL B 113 14.11 -2.08 24.74
CA VAL B 113 15.25 -2.71 25.39
C VAL B 113 16.10 -3.50 24.39
N LEU B 114 15.43 -4.23 23.50
CA LEU B 114 16.14 -5.04 22.52
C LEU B 114 16.90 -4.18 21.52
N GLN B 115 16.26 -3.11 21.07
CA GLN B 115 16.88 -2.19 20.12
C GLN B 115 18.15 -1.58 20.69
N ALA B 116 18.07 -1.09 21.93
CA ALA B 116 19.21 -0.49 22.59
C ALA B 116 20.30 -1.52 22.89
N THR B 117 19.90 -2.65 23.45
CA THR B 117 20.84 -3.72 23.79
C THR B 117 21.61 -4.18 22.55
N SER B 118 20.92 -4.25 21.42
CA SER B 118 21.56 -4.59 20.16
C SER B 118 22.71 -3.63 19.91
N ILE B 119 22.49 -2.35 20.19
CA ILE B 119 23.49 -1.31 20.00
C ILE B 119 24.64 -1.42 21.01
N THR B 120 24.30 -1.54 22.29
CA THR B 120 25.31 -1.61 23.35
C THR B 120 26.23 -2.81 23.16
N ASP B 121 25.64 -3.96 22.80
CA ASP B 121 26.42 -5.18 22.61
C ASP B 121 27.40 -5.06 21.45
N LYS B 122 26.94 -4.48 20.35
CA LYS B 122 27.77 -4.35 19.15
C LYS B 122 28.93 -3.39 19.39
N LEU B 123 28.68 -2.34 20.17
CA LEU B 123 29.71 -1.37 20.50
C LEU B 123 30.66 -1.94 21.56
N GLY B 124 30.22 -3.01 22.20
CA GLY B 124 31.00 -3.64 23.26
C GLY B 124 31.17 -2.71 24.45
N LEU B 125 30.12 -1.94 24.76
CA LEU B 125 30.16 -1.05 25.90
C LEU B 125 30.29 -1.84 27.20
N LYS B 126 29.68 -3.01 27.22
CA LYS B 126 29.76 -3.90 28.38
C LYS B 126 31.21 -4.24 28.65
N ASP B 127 32.04 -4.15 27.62
CA ASP B 127 33.46 -4.47 27.73
C ASP B 127 34.30 -3.22 27.92
N GLY B 128 33.68 -2.16 28.43
CA GLY B 128 34.40 -0.94 28.79
C GLY B 128 34.77 -0.06 27.62
N LYS B 129 34.41 -0.46 26.41
CA LYS B 129 34.73 0.33 25.22
C LYS B 129 34.13 1.73 25.28
N GLY B 130 34.45 2.55 24.29
CA GLY B 130 33.95 3.92 24.23
C GLY B 130 35.00 4.95 24.58
N PRO B 131 34.58 6.22 24.66
CA PRO B 131 33.19 6.65 24.46
C PRO B 131 32.77 6.72 22.99
N PHE B 132 31.47 6.64 22.75
CA PHE B 132 30.91 6.70 21.40
C PHE B 132 29.84 7.77 21.28
N ASN B 133 29.75 8.39 20.11
CA ASN B 133 28.68 9.34 19.82
C ASN B 133 27.44 8.64 19.28
N ILE B 134 26.28 9.00 19.82
CA ILE B 134 25.03 8.40 19.40
C ILE B 134 23.97 9.48 19.20
N GLU B 135 23.08 9.26 18.25
CA GLU B 135 21.92 10.12 18.09
C GLU B 135 20.67 9.27 18.25
N LEU B 136 19.58 9.89 18.70
CA LEU B 136 18.38 9.15 19.05
C LEU B 136 17.19 9.56 18.19
N PHE B 137 16.41 8.58 17.78
CA PHE B 137 15.16 8.84 17.09
C PHE B 137 14.02 8.16 17.84
N GLY B 138 12.85 8.79 17.82
CA GLY B 138 11.64 8.21 18.38
C GLY B 138 10.56 8.12 17.33
N GLY B 139 9.47 7.45 17.66
CA GLY B 139 8.34 7.33 16.75
C GLY B 139 7.46 8.56 16.78
N SER B 140 6.25 8.44 16.25
CA SER B 140 5.33 9.57 16.18
C SER B 140 4.79 9.87 17.58
N PRO B 141 4.75 11.16 17.94
CA PRO B 141 4.33 11.58 19.29
C PRO B 141 2.86 11.25 19.61
N ASP B 142 2.05 10.98 18.59
CA ASP B 142 0.65 10.62 18.81
C ASP B 142 0.46 9.10 18.89
N ASP B 143 1.57 8.38 18.88
CA ASP B 143 1.57 6.92 19.00
C ASP B 143 2.06 6.58 20.40
N ASN B 144 1.17 6.00 21.21
CA ASN B 144 1.55 5.64 22.57
C ASN B 144 2.72 4.67 22.59
N ASN B 145 2.81 3.83 21.57
CA ASN B 145 3.93 2.89 21.49
C ASN B 145 5.28 3.60 21.46
N ALA B 146 5.33 4.78 20.84
CA ALA B 146 6.60 5.49 20.66
C ALA B 146 7.26 5.78 21.99
N PHE B 147 6.45 6.10 22.99
CA PHE B 147 6.96 6.40 24.31
C PHE B 147 7.53 5.15 24.98
N PHE B 148 6.91 4.01 24.72
CA PHE B 148 7.41 2.75 25.29
C PHE B 148 8.71 2.30 24.62
N PHE B 149 8.78 2.41 23.30
CA PHE B 149 10.02 2.08 22.58
C PHE B 149 11.16 2.96 23.08
N TYR B 150 10.90 4.25 23.24
CA TYR B 150 11.92 5.20 23.68
C TYR B 150 12.36 4.95 25.12
N ASP B 151 11.40 4.76 26.00
CA ASP B 151 11.69 4.51 27.40
C ASP B 151 12.43 3.20 27.60
N GLY B 152 12.02 2.18 26.86
CA GLY B 152 12.68 0.88 26.90
C GLY B 152 14.14 0.98 26.48
N ALA B 153 14.38 1.69 25.38
CA ALA B 153 15.75 1.91 24.91
C ALA B 153 16.57 2.73 25.91
N MET B 154 15.99 3.80 26.45
CA MET B 154 16.73 4.67 27.36
C MET B 154 17.09 3.97 28.66
N SER B 155 16.29 2.98 29.05
CA SER B 155 16.55 2.24 30.28
C SER B 155 17.91 1.55 30.18
N VAL B 156 18.35 1.32 28.94
CA VAL B 156 19.63 0.70 28.67
C VAL B 156 20.71 1.75 28.39
N LEU B 157 20.34 2.77 27.63
CA LEU B 157 21.30 3.78 27.17
C LEU B 157 21.65 4.83 28.22
N LYS B 158 20.69 5.16 29.09
CA LYS B 158 20.88 6.26 30.04
C LYS B 158 22.12 6.11 30.93
N PRO B 159 22.35 4.91 31.49
CA PRO B 159 23.54 4.72 32.32
C PRO B 159 24.82 5.10 31.58
N TYR B 160 24.92 4.72 30.31
CA TYR B 160 26.11 4.99 29.51
C TYR B 160 26.20 6.47 29.11
N ILE B 161 25.06 7.11 28.95
CA ILE B 161 25.03 8.54 28.67
C ILE B 161 25.42 9.33 29.91
N ASP B 162 24.94 8.87 31.06
CA ASP B 162 25.30 9.47 32.34
C ASP B 162 26.80 9.35 32.59
N SER B 163 27.30 8.12 32.54
CA SER B 163 28.72 7.85 32.79
C SER B 163 29.60 8.59 31.80
N GLY B 164 29.14 8.72 30.56
CA GLY B 164 29.86 9.48 29.57
C GLY B 164 30.41 8.68 28.41
N LYS B 165 30.29 7.36 28.46
CA LYS B 165 30.77 6.53 27.36
C LYS B 165 29.82 6.54 26.15
N LEU B 166 28.68 7.22 26.32
CA LEU B 166 27.82 7.55 25.20
C LEU B 166 27.54 9.05 25.23
N VAL B 167 27.66 9.70 24.09
CA VAL B 167 27.45 11.15 23.99
C VAL B 167 26.45 11.51 22.90
N VAL B 168 25.40 12.24 23.28
CA VAL B 168 24.46 12.76 22.29
C VAL B 168 24.95 14.16 21.90
N LYS B 169 25.78 14.21 20.87
CA LYS B 169 26.48 15.42 20.49
C LYS B 169 25.52 16.55 20.12
N SER B 170 24.35 16.19 19.60
CA SER B 170 23.35 17.19 19.25
C SER B 170 22.67 17.75 20.50
N GLY B 171 22.78 17.02 21.60
CA GLY B 171 22.09 17.39 22.83
C GLY B 171 20.61 17.07 22.77
N GLN B 172 20.16 16.49 21.67
CA GLN B 172 18.73 16.23 21.48
C GLN B 172 18.28 14.94 22.16
N MET B 173 17.41 15.10 23.17
CA MET B 173 16.84 13.97 23.88
C MET B 173 15.38 14.24 24.24
N GLY B 174 14.63 13.16 24.48
CA GLY B 174 13.22 13.27 24.81
C GLY B 174 12.36 13.25 23.57
N MET B 175 11.17 12.67 23.68
CA MET B 175 10.25 12.54 22.54
C MET B 175 9.90 13.88 21.87
N ASP B 176 9.87 14.95 22.64
CA ASP B 176 9.57 16.27 22.07
C ASP B 176 10.66 16.73 21.09
N LYS B 177 11.87 16.22 21.28
CA LYS B 177 13.00 16.59 20.43
C LYS B 177 13.38 15.53 19.41
N VAL B 178 13.19 14.26 19.74
CA VAL B 178 13.65 13.17 18.88
C VAL B 178 12.52 12.46 18.13
N GLY B 179 11.28 12.76 18.51
CA GLY B 179 10.14 12.13 17.87
C GLY B 179 10.11 12.39 16.38
N THR B 180 9.55 11.44 15.63
CA THR B 180 9.44 11.53 14.18
C THR B 180 7.96 11.48 13.78
N LEU B 181 7.41 12.62 13.37
N LEU B 181 7.42 12.62 13.37
CA LEU B 181 5.99 12.68 13.04
CA LEU B 181 6.02 12.71 12.98
C LEU B 181 5.61 11.67 11.96
C LEU B 181 5.65 11.62 11.98
N ARG B 182 4.53 10.96 12.21
CA ARG B 182 3.97 9.99 11.26
CA ARG B 182 3.99 10.01 11.23
C ARG B 182 4.94 8.86 10.92
N TRP B 183 5.94 8.66 11.78
CA TRP B 183 6.95 7.63 11.54
C TRP B 183 7.51 7.79 10.12
N ASP B 184 7.65 9.03 9.67
CA ASP B 184 7.99 9.35 8.29
C ASP B 184 9.49 9.26 8.02
N PRO B 185 9.92 8.32 7.17
CA PRO B 185 11.34 8.16 6.83
C PRO B 185 11.98 9.44 6.30
N ALA B 186 11.29 10.15 5.43
CA ALA B 186 11.83 11.38 4.85
C ALA B 186 12.13 12.41 5.93
N THR B 187 11.27 12.45 6.95
CA THR B 187 11.45 13.36 8.08
C THR B 187 12.69 12.94 8.86
N ALA B 188 12.82 11.64 9.09
CA ALA B 188 13.97 11.07 9.77
C ALA B 188 15.25 11.32 9.00
N GLN B 189 15.21 11.12 7.68
CA GLN B 189 16.40 11.33 6.86
C GLN B 189 16.79 12.80 6.84
N ALA B 190 15.79 13.69 6.77
CA ALA B 190 16.04 15.12 6.76
C ALA B 190 16.66 15.55 8.09
N ARG B 191 16.18 14.98 9.18
CA ARG B 191 16.73 15.29 10.50
C ARG B 191 18.16 14.79 10.63
N MET B 192 18.42 13.59 10.14
CA MET B 192 19.77 13.04 10.17
C MET B 192 20.71 13.96 9.38
N ASP B 193 20.22 14.50 8.27
CA ASP B 193 20.99 15.44 7.46
C ASP B 193 21.37 16.65 8.31
N ASN B 194 20.39 17.17 9.04
CA ASN B 194 20.57 18.34 9.89
C ASN B 194 21.60 18.06 10.98
N LEU B 195 21.50 16.89 11.60
CA LEU B 195 22.39 16.51 12.70
C LEU B 195 23.84 16.38 12.22
N LEU B 196 24.04 15.63 11.14
CA LEU B 196 25.39 15.46 10.59
C LEU B 196 26.03 16.81 10.26
N SER B 197 25.27 17.67 9.58
CA SER B 197 25.80 18.94 9.12
C SER B 197 26.09 19.87 10.29
N ALA B 198 25.26 19.80 11.32
CA ALA B 198 25.37 20.73 12.44
C ALA B 198 26.32 20.25 13.55
N TYR B 199 26.37 18.94 13.78
CA TYR B 199 27.07 18.41 14.95
C TYR B 199 28.19 17.40 14.68
N TYR B 200 28.35 16.98 13.42
CA TYR B 200 29.41 16.03 13.10
C TYR B 200 30.26 16.48 11.92
N THR B 201 30.62 17.76 11.93
CA THR B 201 31.47 18.33 10.88
C THR B 201 32.90 17.80 11.00
N ASP B 202 33.28 17.39 12.20
CA ASP B 202 34.65 16.94 12.45
C ASP B 202 34.67 15.65 13.25
N ALA B 203 33.51 15.26 13.79
CA ALA B 203 33.40 14.05 14.58
C ALA B 203 32.55 12.99 13.88
N LYS B 204 32.62 11.76 14.39
CA LYS B 204 31.93 10.63 13.75
C LYS B 204 30.75 10.12 14.58
N VAL B 205 29.71 9.67 13.90
CA VAL B 205 28.58 9.01 14.54
C VAL B 205 28.90 7.53 14.67
N ASP B 206 28.76 6.99 15.88
CA ASP B 206 29.08 5.58 16.12
C ASP B 206 27.85 4.69 16.13
N ALA B 207 26.71 5.26 16.50
CA ALA B 207 25.46 4.50 16.55
C ALA B 207 24.27 5.42 16.44
N VAL B 208 23.18 4.87 15.90
CA VAL B 208 21.92 5.60 15.85
C VAL B 208 20.79 4.72 16.34
N LEU B 209 20.12 5.17 17.39
CA LEU B 209 18.93 4.46 17.88
C LEU B 209 17.75 4.75 16.98
N SER B 210 17.39 3.78 16.14
CA SER B 210 16.20 3.90 15.30
C SER B 210 15.14 2.91 15.76
N PRO B 211 13.92 3.41 16.01
CA PRO B 211 12.81 2.59 16.51
C PRO B 211 11.96 1.94 15.42
N TYR B 212 12.34 2.12 14.16
CA TYR B 212 11.55 1.60 13.05
C TYR B 212 12.37 1.47 11.76
N ASP B 213 12.21 0.33 11.09
CA ASP B 213 12.96 0.02 9.87
C ASP B 213 12.91 1.13 8.82
N GLY B 214 11.73 1.71 8.62
CA GLY B 214 11.55 2.75 7.65
C GLY B 214 12.51 3.90 7.93
N LEU B 215 12.57 4.30 9.19
CA LEU B 215 13.48 5.37 9.60
C LEU B 215 14.93 4.93 9.46
N SER B 216 15.21 3.68 9.81
CA SER B 216 16.57 3.16 9.74
C SER B 216 17.16 3.33 8.34
N ILE B 217 16.37 3.01 7.33
CA ILE B 217 16.82 3.11 5.95
C ILE B 217 17.07 4.55 5.53
N GLY B 218 16.20 5.46 5.99
CA GLY B 218 16.36 6.87 5.68
C GLY B 218 17.59 7.45 6.36
N ILE B 219 17.77 7.08 7.62
CA ILE B 219 18.95 7.47 8.40
C ILE B 219 20.23 6.98 7.72
N ILE B 220 20.22 5.74 7.26
CA ILE B 220 21.36 5.18 6.57
C ILE B 220 21.63 5.91 5.24
N SER B 221 20.57 6.31 4.56
CA SER B 221 20.74 7.08 3.32
C SER B 221 21.46 8.40 3.59
N SER B 222 21.09 9.04 4.69
CA SER B 222 21.72 10.29 5.10
C SER B 222 23.19 10.07 5.40
N LEU B 223 23.48 8.99 6.13
CA LEU B 223 24.85 8.67 6.53
C LEU B 223 25.75 8.37 5.33
N LYS B 224 25.25 7.58 4.40
CA LYS B 224 25.98 7.32 3.17
C LYS B 224 26.25 8.62 2.42
N GLY B 225 25.44 9.64 2.72
CA GLY B 225 25.58 10.93 2.08
C GLY B 225 26.80 11.70 2.53
N VAL B 226 27.27 11.43 3.74
CA VAL B 226 28.45 12.12 4.25
C VAL B 226 29.69 11.21 4.27
N GLY B 227 29.59 10.06 3.63
CA GLY B 227 30.75 9.20 3.43
C GLY B 227 30.82 7.94 4.29
N TYR B 228 29.74 7.62 4.99
CA TYR B 228 29.68 6.38 5.75
C TYR B 228 29.32 5.23 4.83
N GLY B 229 29.70 4.01 5.20
CA GLY B 229 29.37 2.84 4.42
C GLY B 229 30.52 2.29 3.60
N THR B 230 31.71 2.84 3.82
CA THR B 230 32.92 2.31 3.17
C THR B 230 33.58 1.30 4.10
N LYS B 231 34.53 0.54 3.55
CA LYS B 231 35.26 -0.44 4.34
C LYS B 231 35.99 0.25 5.50
N ASP B 232 36.58 1.41 5.21
CA ASP B 232 37.36 2.14 6.21
C ASP B 232 36.47 2.97 7.14
N GLN B 233 35.37 3.48 6.61
CA GLN B 233 34.42 4.25 7.41
C GLN B 233 33.04 3.60 7.40
N PRO B 234 32.88 2.51 8.15
CA PRO B 234 31.62 1.76 8.17
C PRO B 234 30.48 2.59 8.73
N LEU B 235 29.27 2.22 8.37
CA LEU B 235 28.08 2.83 8.95
C LEU B 235 28.11 2.64 10.46
N PRO B 236 27.53 3.59 11.20
CA PRO B 236 27.35 3.37 12.63
C PRO B 236 26.38 2.22 12.83
N VAL B 237 26.30 1.71 14.06
CA VAL B 237 25.34 0.66 14.39
C VAL B 237 23.92 1.22 14.39
N VAL B 238 23.07 0.70 13.52
CA VAL B 238 21.70 1.17 13.43
C VAL B 238 20.69 0.06 13.70
N SER B 239 19.80 0.28 14.66
CA SER B 239 18.77 -0.68 15.02
C SER B 239 17.53 -0.49 14.13
N GLY B 240 16.41 -1.11 14.50
CA GLY B 240 15.21 -1.02 13.70
C GLY B 240 14.01 -1.75 14.31
N GLN B 241 12.93 -1.86 13.54
CA GLN B 241 11.76 -2.61 13.97
C GLN B 241 10.84 -2.94 12.80
N ASP B 242 10.31 -4.16 12.83
CA ASP B 242 9.26 -4.63 11.90
C ASP B 242 9.76 -5.64 10.87
N ALA B 243 11.09 -5.79 10.77
CA ALA B 243 11.68 -6.68 9.77
C ALA B 243 11.12 -6.47 8.37
N GLU B 244 10.96 -5.20 7.97
CA GLU B 244 10.60 -4.87 6.60
C GLU B 244 11.66 -5.39 5.63
N VAL B 245 11.25 -5.77 4.44
CA VAL B 245 12.17 -6.38 3.49
C VAL B 245 13.41 -5.51 3.17
N PRO B 246 13.19 -4.21 2.86
CA PRO B 246 14.38 -3.39 2.58
C PRO B 246 15.40 -3.41 3.72
N SER B 247 14.93 -3.41 4.96
CA SER B 247 15.81 -3.46 6.12
C SER B 247 16.50 -4.82 6.28
N VAL B 248 15.76 -5.90 6.05
CA VAL B 248 16.35 -7.24 6.13
C VAL B 248 17.43 -7.39 5.06
N LYS B 249 17.16 -6.86 3.87
CA LYS B 249 18.15 -6.88 2.81
C LYS B 249 19.35 -6.04 3.22
N SER B 250 19.09 -4.93 3.90
CA SER B 250 20.17 -4.08 4.41
C SER B 250 21.01 -4.83 5.43
N ILE B 251 20.34 -5.53 6.33
CA ILE B 251 21.01 -6.34 7.34
C ILE B 251 21.88 -7.42 6.66
N ILE B 252 21.32 -8.07 5.65
CA ILE B 252 22.08 -9.09 4.91
C ILE B 252 23.32 -8.50 4.25
N ALA B 253 23.19 -7.25 3.78
CA ALA B 253 24.27 -6.56 3.08
C ALA B 253 25.31 -5.98 4.03
N GLY B 254 25.11 -6.20 5.33
CA GLY B 254 26.06 -5.72 6.33
C GLY B 254 25.96 -4.23 6.59
N GLU B 255 24.80 -3.65 6.33
CA GLU B 255 24.58 -2.23 6.59
C GLU B 255 23.78 -2.01 7.86
N GLN B 256 22.45 -1.93 7.76
CA GLN B 256 21.63 -1.86 8.97
C GLN B 256 22.00 -3.04 9.85
N TYR B 257 22.15 -2.80 11.15
CA TYR B 257 22.67 -3.85 12.03
C TYR B 257 21.61 -4.83 12.54
N SER B 258 20.48 -4.31 12.99
CA SER B 258 19.45 -5.17 13.56
C SER B 258 18.03 -4.64 13.34
N THR B 259 17.06 -5.51 13.58
CA THR B 259 15.66 -5.12 13.56
C THR B 259 14.93 -5.93 14.63
N ILE B 260 13.61 -5.81 14.68
CA ILE B 260 12.80 -6.57 15.62
C ILE B 260 11.67 -7.22 14.87
N PHE B 261 11.56 -8.54 14.97
CA PHE B 261 10.47 -9.25 14.30
C PHE B 261 9.23 -9.32 15.19
N LYS B 262 8.13 -8.74 14.70
CA LYS B 262 6.84 -8.83 15.38
C LYS B 262 5.86 -9.48 14.41
N ASP B 263 5.54 -10.75 14.66
CA ASP B 263 4.76 -11.54 13.72
C ASP B 263 3.30 -11.10 13.66
N THR B 264 2.94 -10.32 12.63
CA THR B 264 1.58 -9.80 12.53
C THR B 264 0.56 -10.93 12.51
N ARG B 265 0.97 -12.09 12.04
CA ARG B 265 0.08 -13.24 11.98
C ARG B 265 -0.34 -13.71 13.37
N GLU B 266 0.60 -13.65 14.32
CA GLU B 266 0.30 -14.00 15.71
C GLU B 266 -0.57 -12.94 16.40
N LEU B 267 -0.32 -11.67 16.11
CA LEU B 267 -1.14 -10.60 16.68
C LEU B 267 -2.57 -10.73 16.17
N ALA B 268 -2.70 -11.07 14.88
CA ALA B 268 -4.01 -11.33 14.31
C ALA B 268 -4.71 -12.47 15.07
N LYS B 269 -3.95 -13.53 15.38
CA LYS B 269 -4.47 -14.65 16.15
C LYS B 269 -4.99 -14.21 17.52
N VAL B 270 -4.20 -13.39 18.21
CA VAL B 270 -4.61 -12.87 19.51
C VAL B 270 -5.90 -12.08 19.35
N THR B 271 -5.95 -11.26 18.31
CA THR B 271 -7.11 -10.42 18.05
C THR B 271 -8.37 -11.25 17.82
N VAL B 272 -8.25 -12.30 17.01
CA VAL B 272 -9.39 -13.17 16.74
C VAL B 272 -9.88 -13.84 18.01
N ASN B 273 -8.95 -14.28 18.85
CA ASN B 273 -9.31 -14.87 20.14
C ASN B 273 -10.16 -13.91 20.96
N MET B 274 -9.77 -12.63 20.95
CA MET B 274 -10.49 -11.61 21.69
C MET B 274 -11.86 -11.38 21.08
N VAL B 275 -11.92 -11.38 19.75
CA VAL B 275 -13.19 -11.24 19.05
C VAL B 275 -14.10 -12.41 19.40
N ASN B 276 -13.55 -13.62 19.35
CA ASN B 276 -14.30 -14.81 19.72
C ASN B 276 -14.82 -14.76 21.15
N ALA B 277 -13.97 -14.32 22.06
CA ALA B 277 -14.36 -14.17 23.46
C ALA B 277 -15.51 -13.18 23.59
N VAL B 278 -15.33 -12.00 23.01
CA VAL B 278 -16.33 -10.95 23.04
C VAL B 278 -17.67 -11.39 22.42
N MET B 279 -17.60 -12.07 21.28
CA MET B 279 -18.80 -12.51 20.59
C MET B 279 -19.48 -13.69 21.28
N GLU B 280 -18.79 -14.28 22.25
CA GLU B 280 -19.34 -15.40 23.00
C GLU B 280 -19.65 -14.99 24.43
N GLY B 281 -19.48 -13.71 24.73
CA GLY B 281 -19.78 -13.17 26.04
C GLY B 281 -18.84 -13.65 27.12
N LYS B 282 -17.63 -14.04 26.74
CA LYS B 282 -16.63 -14.50 27.70
C LYS B 282 -15.44 -13.55 27.76
N GLU B 283 -14.50 -13.85 28.65
CA GLU B 283 -13.30 -13.05 28.81
C GLU B 283 -12.16 -13.59 27.96
N PRO B 284 -11.49 -12.70 27.21
CA PRO B 284 -10.32 -13.11 26.43
C PRO B 284 -9.15 -13.33 27.37
N GLU B 285 -8.19 -14.16 26.96
CA GLU B 285 -6.97 -14.30 27.73
C GLU B 285 -6.16 -13.01 27.68
N VAL B 286 -5.72 -12.54 28.83
CA VAL B 286 -4.86 -11.38 28.92
C VAL B 286 -3.67 -11.72 29.80
N ASN B 287 -2.58 -11.00 29.65
CA ASN B 287 -1.39 -11.26 30.46
C ASN B 287 -0.76 -9.99 31.03
N ASP B 288 -1.46 -8.87 30.88
CA ASP B 288 -1.04 -7.61 31.50
C ASP B 288 -2.24 -6.73 31.84
N THR B 289 -2.41 -6.45 33.12
CA THR B 289 -3.53 -5.64 33.58
C THR B 289 -3.05 -4.47 34.44
N LYS B 290 -1.81 -4.04 34.22
CA LYS B 290 -1.24 -2.97 35.02
C LYS B 290 -0.46 -1.93 34.20
N THR B 291 0.06 -2.36 33.05
CA THR B 291 0.99 -1.52 32.28
C THR B 291 0.30 -0.40 31.49
N TYR B 292 -0.76 -0.75 30.77
CA TYR B 292 -1.28 0.18 29.77
C TYR B 292 -2.44 1.07 30.23
N GLU B 293 -2.12 1.95 31.18
N GLU B 293 -2.12 1.95 31.19
CA GLU B 293 -3.02 3.02 31.57
CA GLU B 293 -3.02 3.02 31.55
C GLU B 293 -3.24 3.93 30.36
C GLU B 293 -3.27 3.86 30.30
N ASN B 294 -4.48 4.34 30.13
CA ASN B 294 -4.79 5.11 28.93
C ASN B 294 -5.35 6.51 29.19
N GLY B 295 -5.33 6.93 30.44
CA GLY B 295 -5.83 8.23 30.83
C GLY B 295 -7.14 8.10 31.56
N VAL B 296 -7.89 7.04 31.23
CA VAL B 296 -9.16 6.76 31.87
C VAL B 296 -9.12 5.45 32.64
N LYS B 297 -8.39 4.48 32.12
CA LYS B 297 -8.29 3.16 32.76
C LYS B 297 -7.09 2.38 32.26
N VAL B 298 -6.72 1.35 33.01
CA VAL B 298 -5.72 0.41 32.54
C VAL B 298 -6.43 -0.65 31.70
N VAL B 299 -6.16 -0.64 30.40
CA VAL B 299 -6.85 -1.56 29.50
C VAL B 299 -6.27 -2.96 29.63
N PRO B 300 -7.14 -3.96 29.85
CA PRO B 300 -6.66 -5.35 29.91
C PRO B 300 -5.99 -5.71 28.59
N SER B 301 -4.77 -6.21 28.66
CA SER B 301 -3.95 -6.36 27.48
C SER B 301 -3.34 -7.75 27.35
N TYR B 302 -3.06 -8.15 26.11
CA TYR B 302 -2.28 -9.34 25.85
C TYR B 302 -1.04 -8.93 25.07
N LEU B 303 0.13 -9.23 25.63
CA LEU B 303 1.40 -8.84 25.04
C LEU B 303 2.13 -10.03 24.44
N LEU B 304 2.54 -9.91 23.19
CA LEU B 304 3.35 -10.93 22.53
C LEU B 304 4.82 -10.56 22.65
N LYS B 305 5.69 -11.57 22.76
CA LYS B 305 7.12 -11.31 22.91
C LYS B 305 7.78 -11.00 21.57
N PRO B 306 8.41 -9.81 21.46
CA PRO B 306 9.12 -9.44 20.24
C PRO B 306 10.41 -10.24 20.10
N VAL B 307 10.95 -10.34 18.87
CA VAL B 307 12.11 -11.17 18.60
C VAL B 307 13.21 -10.36 17.92
N ALA B 308 14.38 -10.29 18.56
CA ALA B 308 15.50 -9.54 18.00
C ALA B 308 16.09 -10.28 16.80
N VAL B 309 16.42 -9.54 15.75
CA VAL B 309 16.94 -10.14 14.52
C VAL B 309 18.20 -9.44 14.02
N THR B 310 19.22 -10.23 13.71
CA THR B 310 20.43 -9.73 13.07
C THR B 310 20.74 -10.62 11.88
N LYS B 311 21.87 -10.38 11.23
CA LYS B 311 22.25 -11.22 10.09
C LYS B 311 22.38 -12.69 10.51
N GLU B 312 22.57 -12.93 11.80
CA GLU B 312 22.79 -14.29 12.30
C GLU B 312 21.55 -15.19 12.31
N ASN B 313 20.38 -14.62 12.57
CA ASN B 313 19.20 -15.46 12.75
C ASN B 313 18.02 -15.12 11.86
N TYR B 314 18.21 -14.18 10.94
CA TYR B 314 17.11 -13.69 10.11
C TYR B 314 16.47 -14.83 9.32
N LYS B 315 17.29 -15.74 8.81
CA LYS B 315 16.77 -16.82 7.97
C LYS B 315 15.84 -17.73 8.76
N GLN B 316 16.27 -18.16 9.93
CA GLN B 316 15.46 -19.03 10.78
C GLN B 316 14.18 -18.32 11.19
N VAL B 317 14.32 -17.08 11.64
CA VAL B 317 13.19 -16.35 12.18
C VAL B 317 12.19 -15.97 11.09
N LEU B 318 12.70 -15.42 9.99
CA LEU B 318 11.84 -14.82 8.98
C LEU B 318 11.42 -15.76 7.85
N VAL B 319 12.32 -16.65 7.44
CA VAL B 319 12.04 -17.53 6.31
C VAL B 319 11.54 -18.89 6.76
N ASP B 320 12.27 -19.52 7.68
CA ASP B 320 11.84 -20.83 8.18
C ASP B 320 10.47 -20.73 8.84
N GLY B 321 10.23 -19.61 9.52
CA GLY B 321 8.96 -19.37 10.18
C GLY B 321 7.86 -18.99 9.21
N GLY B 322 8.24 -18.78 7.95
CA GLY B 322 7.26 -18.65 6.88
C GLY B 322 6.72 -17.25 6.64
N TYR B 323 7.23 -16.26 7.37
CA TYR B 323 6.77 -14.89 7.15
C TYR B 323 7.11 -14.44 5.72
N TYR B 324 8.35 -14.68 5.31
CA TYR B 324 8.79 -14.35 3.95
C TYR B 324 9.22 -15.58 3.18
N LYS B 325 9.01 -15.54 1.87
CA LYS B 325 9.66 -16.50 0.99
C LYS B 325 11.11 -16.04 0.83
N GLU B 326 12.04 -16.98 0.73
CA GLU B 326 13.45 -16.62 0.57
C GLU B 326 13.70 -15.70 -0.64
N ASP B 327 12.94 -15.90 -1.71
CA ASP B 327 13.10 -15.06 -2.90
C ASP B 327 12.75 -13.59 -2.67
N GLN B 328 11.90 -13.31 -1.68
CA GLN B 328 11.55 -11.93 -1.37
C GLN B 328 12.76 -11.14 -0.88
N LEU B 329 13.72 -11.85 -0.30
CA LEU B 329 14.86 -11.20 0.33
C LEU B 329 16.07 -11.14 -0.57
N LYS B 330 15.94 -11.69 -1.78
CA LYS B 330 17.08 -11.76 -2.69
C LYS B 330 16.91 -10.81 -3.87
#